data_6RB6
#
_entry.id   6RB6
#
_cell.length_a   147.516
_cell.length_b   115.070
_cell.length_c   63.780
_cell.angle_alpha   90.00
_cell.angle_beta   109.39
_cell.angle_gamma   90.00
#
_symmetry.space_group_name_H-M   'C 1 2 1'
#
loop_
_entity.id
_entity.type
_entity.pdbx_description
1 polymer Phosphodiesterase
2 non-polymer 'MAGNESIUM ION'
3 non-polymer 'ZINC ION'
4 non-polymer GUANIDINE
5 non-polymer 1,2-ETHANEDIOL
6 non-polymer 'FORMIC ACID'
7 non-polymer 3-[5-[(4~{a}~{R},8~{a}~{S})-3-cycloheptyl-4-oxidanylidene-4~{a},5,8,8~{a}-tetrahydrophthalazin-1-yl]-2-methoxy-phenyl]-~{N}-(furan-2-ylmethyl)prop-2-ynamide
8 water water
#
_entity_poly.entity_id   1
_entity_poly.type   'polypeptide(L)'
_entity_poly.pdbx_seq_one_letter_code
;GSHMASELNEHRATLFNKNVPSRAVKRVTAITKVEREAVLVCELPSFDVTDVEFDLFRARESTDKPLDVAAAIAYRLLLG
SGLPQKFGCSDEVLLNFILQCRKKYRNVPYHNFYHVVDVCQTIHTFLYRGNVYEKLTELECFVLLITALVHDLDHMGLNN
SFYLKTESPLGILSSASGNTSVLEVHHCNLAVEILSDPESDVFDGLEGAERTLAFRSMIDCVLATDMAKHGSALEAFLAS
AADQSSDEAAFHRMTMEIILKAGDISNVTKPFDISRQWAMAVTEEFYRQGDMEKERGVEVLPMFDRSKNMELAKGQIGFI
DFVAAPFFQKIVDACLQGMQWTVDRIKSNRAQWERVLETR
;
_entity_poly.pdbx_strand_id   A,B
#
loop_
_chem_comp.id
_chem_comp.type
_chem_comp.name
_chem_comp.formula
EDO non-polymer 1,2-ETHANEDIOL 'C2 H6 O2'
FMT non-polymer 'FORMIC ACID' 'C H2 O2'
GAI non-polymer GUANIDINE 'C H5 N3'
JX2 non-polymer 3-[5-[(4~{a}~{R},8~{a}~{S})-3-cycloheptyl-4-oxidanylidene-4~{a},5,8,8~{a}-tetrahydrophthalazin-1-yl]-2-methoxy-phenyl]-~{N}-(furan-2-ylmethyl)prop-2-ynamide 'C30 H33 N3 O4'
MG non-polymer 'MAGNESIUM ION' 'Mg 2'
ZN non-polymer 'ZINC ION' 'Zn 2'
#
# COMPACT_ATOMS: atom_id res chain seq x y z
N VAL A 28 -13.94 -3.23 -4.93
CA VAL A 28 -13.46 -3.81 -6.23
C VAL A 28 -14.62 -3.81 -7.25
N THR A 29 -15.88 -3.68 -6.83
CA THR A 29 -17.08 -3.87 -7.71
C THR A 29 -17.22 -2.72 -8.74
N ALA A 30 -17.66 -3.07 -9.96
CA ALA A 30 -17.91 -2.16 -11.09
C ALA A 30 -18.96 -1.13 -10.72
N ILE A 31 -18.90 0.05 -11.34
CA ILE A 31 -19.93 1.11 -11.19
C ILE A 31 -21.15 0.70 -12.02
N THR A 32 -22.37 0.90 -11.51
CA THR A 32 -23.66 0.46 -12.12
C THR A 32 -24.24 1.61 -12.97
N LYS A 33 -25.22 1.30 -13.83
CA LYS A 33 -25.89 2.30 -14.72
C LYS A 33 -26.71 3.28 -13.86
N VAL A 34 -27.27 2.80 -12.74
CA VAL A 34 -28.08 3.59 -11.78
C VAL A 34 -27.19 4.66 -11.12
N GLU A 35 -26.01 4.25 -10.66
CA GLU A 35 -24.97 5.14 -10.05
C GLU A 35 -24.65 6.29 -11.02
N ARG A 36 -24.42 6.01 -12.30
CA ARG A 36 -24.03 7.05 -13.30
C ARG A 36 -25.22 7.99 -13.61
N GLU A 37 -26.46 7.46 -13.69
CA GLU A 37 -27.66 8.27 -14.07
C GLU A 37 -27.92 9.32 -12.98
N ALA A 38 -27.76 8.95 -11.71
CA ALA A 38 -27.95 9.82 -10.53
C ALA A 38 -27.02 11.04 -10.61
N VAL A 39 -25.86 10.90 -11.27
CA VAL A 39 -24.91 12.04 -11.46
C VAL A 39 -25.33 12.81 -12.70
N LEU A 40 -25.62 12.08 -13.78
CA LEU A 40 -25.98 12.70 -15.09
C LEU A 40 -27.21 13.61 -14.97
N VAL A 41 -28.13 13.35 -14.03
CA VAL A 41 -29.41 14.14 -13.94
C VAL A 41 -29.17 15.50 -13.30
N CYS A 42 -28.08 15.70 -12.53
CA CYS A 42 -27.78 16.98 -11.84
C CYS A 42 -27.48 18.07 -12.88
N GLU A 43 -28.09 19.25 -12.72
CA GLU A 43 -28.23 20.29 -13.78
C GLU A 43 -27.33 21.50 -13.45
N LEU A 44 -27.32 21.97 -12.19
CA LEU A 44 -26.41 23.01 -11.64
C LEU A 44 -26.77 24.38 -12.21
N PRO A 45 -28.07 24.78 -12.17
CA PRO A 45 -28.58 25.81 -13.07
C PRO A 45 -27.89 27.18 -12.87
N SER A 46 -27.72 27.61 -11.62
CA SER A 46 -27.27 28.99 -11.25
C SER A 46 -25.73 29.12 -11.10
N PHE A 47 -24.94 28.06 -11.31
CA PHE A 47 -23.50 28.00 -10.92
C PHE A 47 -22.60 28.06 -12.16
N ASP A 48 -21.44 28.73 -12.08
CA ASP A 48 -20.38 28.62 -13.12
C ASP A 48 -19.19 27.94 -12.45
N VAL A 49 -18.95 26.65 -12.76
CA VAL A 49 -17.90 25.86 -12.04
C VAL A 49 -16.49 26.36 -12.41
N THR A 50 -16.35 27.29 -13.37
CA THR A 50 -15.04 27.79 -13.87
C THR A 50 -14.68 29.09 -13.15
N ASP A 51 -15.58 29.62 -12.31
CA ASP A 51 -15.44 30.96 -11.69
C ASP A 51 -14.59 30.87 -10.40
N VAL A 52 -13.77 31.89 -10.13
CA VAL A 52 -12.97 31.97 -8.87
C VAL A 52 -13.88 32.18 -7.66
N GLU A 53 -15.12 32.62 -7.85
CA GLU A 53 -16.05 32.80 -6.70
C GLU A 53 -17.08 31.67 -6.61
N PHE A 54 -16.91 30.57 -7.34
CA PHE A 54 -17.76 29.36 -7.21
C PHE A 54 -17.80 28.91 -5.75
N ASP A 55 -19.02 28.64 -5.26
CA ASP A 55 -19.28 28.36 -3.83
C ASP A 55 -19.74 26.90 -3.71
N LEU A 56 -18.83 25.99 -3.30
CA LEU A 56 -19.13 24.54 -3.20
C LEU A 56 -20.11 24.31 -2.02
N PHE A 57 -20.06 25.12 -0.96
CA PHE A 57 -20.98 24.99 0.20
C PHE A 57 -22.44 25.21 -0.24
N ARG A 58 -22.69 26.24 -1.06
CA ARG A 58 -24.05 26.54 -1.58
C ARG A 58 -24.50 25.42 -2.56
N ALA A 59 -23.61 24.95 -3.44
CA ALA A 59 -23.93 23.83 -4.35
C ALA A 59 -24.36 22.59 -3.55
N ARG A 60 -23.72 22.26 -2.43
CA ARG A 60 -24.07 21.11 -1.53
C ARG A 60 -25.46 21.31 -0.89
N GLU A 61 -25.79 22.55 -0.54
CA GLU A 61 -27.05 22.89 0.19
C GLU A 61 -28.23 22.89 -0.77
N SER A 62 -28.00 22.95 -2.08
CA SER A 62 -29.06 23.23 -3.07
C SER A 62 -29.79 21.95 -3.50
N THR A 63 -29.60 20.83 -2.78
CA THR A 63 -30.04 19.46 -3.18
C THR A 63 -29.93 18.56 -1.96
N ASP A 64 -30.75 17.50 -1.85
CA ASP A 64 -30.58 16.50 -0.76
C ASP A 64 -29.70 15.34 -1.23
N LYS A 65 -29.05 15.44 -2.40
CA LYS A 65 -28.02 14.46 -2.85
C LYS A 65 -26.70 15.19 -3.16
N PRO A 66 -26.03 15.77 -2.14
CA PRO A 66 -24.83 16.58 -2.38
C PRO A 66 -23.63 15.78 -2.94
N LEU A 67 -23.53 14.49 -2.61
CA LEU A 67 -22.47 13.58 -3.15
C LEU A 67 -22.64 13.39 -4.66
N ASP A 68 -23.87 13.44 -5.18
CA ASP A 68 -24.16 13.38 -6.64
C ASP A 68 -23.80 14.70 -7.31
N VAL A 69 -24.12 15.82 -6.65
CA VAL A 69 -23.83 17.18 -7.15
C VAL A 69 -22.29 17.38 -7.19
N ALA A 70 -21.57 16.91 -6.18
CA ALA A 70 -20.10 17.02 -6.12
C ALA A 70 -19.49 16.24 -7.28
N ALA A 71 -20.03 15.05 -7.57
CA ALA A 71 -19.53 14.20 -8.67
C ALA A 71 -19.80 14.87 -10.00
N ALA A 72 -21.00 15.45 -10.18
CA ALA A 72 -21.41 16.18 -11.41
C ALA A 72 -20.49 17.38 -11.68
N ILE A 73 -20.10 18.12 -10.63
CA ILE A 73 -19.17 19.29 -10.77
C ILE A 73 -17.84 18.77 -11.34
N ALA A 74 -17.24 17.74 -10.77
CA ALA A 74 -15.97 17.15 -11.28
C ALA A 74 -16.15 16.71 -12.75
N TYR A 75 -17.25 16.00 -13.08
CA TYR A 75 -17.51 15.44 -14.44
C TYR A 75 -17.65 16.58 -15.45
N ARG A 76 -18.45 17.60 -15.14
CA ARG A 76 -18.70 18.73 -16.07
C ARG A 76 -17.43 19.56 -16.27
N LEU A 77 -16.67 19.85 -15.22
CA LEU A 77 -15.37 20.55 -15.33
C LEU A 77 -14.39 19.81 -16.27
N LEU A 78 -14.21 18.50 -16.09
CA LEU A 78 -13.24 17.69 -16.90
C LEU A 78 -13.73 17.63 -18.36
N LEU A 79 -15.01 17.28 -18.63
CA LEU A 79 -15.56 17.20 -20.02
C LEU A 79 -15.56 18.58 -20.70
N GLY A 80 -15.96 19.64 -20.00
CA GLY A 80 -15.88 21.02 -20.51
C GLY A 80 -14.49 21.39 -21.00
N SER A 81 -13.44 20.79 -20.45
CA SER A 81 -12.04 21.18 -20.78
C SER A 81 -11.62 20.64 -22.16
N GLY A 82 -12.30 19.59 -22.65
CA GLY A 82 -11.92 18.89 -23.89
C GLY A 82 -10.72 17.95 -23.70
N LEU A 83 -10.09 17.91 -22.51
CA LEU A 83 -8.83 17.15 -22.22
C LEU A 83 -9.07 15.63 -22.22
N PRO A 84 -10.12 15.09 -21.56
CA PRO A 84 -10.35 13.64 -21.64
C PRO A 84 -10.54 13.16 -23.09
N GLN A 85 -11.29 13.92 -23.89
CA GLN A 85 -11.59 13.60 -25.32
C GLN A 85 -10.27 13.53 -26.10
N LYS A 86 -9.40 14.52 -25.92
CA LYS A 86 -8.10 14.61 -26.62
C LYS A 86 -7.22 13.40 -26.28
N PHE A 87 -7.30 12.90 -25.05
CA PHE A 87 -6.40 11.81 -24.56
C PHE A 87 -7.02 10.41 -24.62
N GLY A 88 -8.15 10.28 -25.30
CA GLY A 88 -8.78 8.98 -25.61
C GLY A 88 -9.58 8.43 -24.45
N CYS A 89 -10.04 9.26 -23.52
CA CYS A 89 -10.82 8.84 -22.33
C CYS A 89 -12.29 9.07 -22.63
N SER A 90 -13.09 8.00 -22.69
CA SER A 90 -14.55 8.07 -22.96
C SER A 90 -15.28 8.74 -21.79
N ASP A 91 -16.44 9.33 -22.08
CA ASP A 91 -17.36 9.93 -21.07
C ASP A 91 -17.65 8.89 -19.98
N GLU A 92 -17.90 7.62 -20.33
CA GLU A 92 -18.27 6.58 -19.35
C GLU A 92 -17.05 6.22 -18.47
N VAL A 93 -15.85 6.13 -19.03
CA VAL A 93 -14.64 5.76 -18.22
C VAL A 93 -14.31 6.91 -17.22
N LEU A 94 -14.47 8.15 -17.65
CA LEU A 94 -14.32 9.37 -16.79
C LEU A 94 -15.27 9.28 -15.61
N LEU A 95 -16.56 8.97 -15.86
CA LEU A 95 -17.55 8.99 -14.78
C LEU A 95 -17.29 7.80 -13.84
N ASN A 96 -16.94 6.65 -14.38
CA ASN A 96 -16.54 5.45 -13.60
C ASN A 96 -15.40 5.84 -12.65
N PHE A 97 -14.41 6.54 -13.19
CA PHE A 97 -13.22 6.94 -12.38
C PHE A 97 -13.68 7.84 -11.21
N ILE A 98 -14.47 8.89 -11.52
CA ILE A 98 -14.95 9.84 -10.49
C ILE A 98 -15.67 9.07 -9.38
N LEU A 99 -16.54 8.10 -9.73
CA LEU A 99 -17.35 7.36 -8.73
C LEU A 99 -16.52 6.33 -7.98
N GLN A 100 -15.47 5.73 -8.57
CA GLN A 100 -14.55 4.85 -7.80
C GLN A 100 -13.77 5.69 -6.76
N CYS A 101 -13.36 6.92 -7.11
CA CYS A 101 -12.72 7.85 -6.15
C CYS A 101 -13.71 8.16 -5.01
N ARG A 102 -14.95 8.51 -5.33
CA ARG A 102 -15.94 8.94 -4.30
C ARG A 102 -16.14 7.83 -3.26
N LYS A 103 -16.15 6.58 -3.71
CA LYS A 103 -16.33 5.39 -2.84
C LYS A 103 -15.24 5.28 -1.79
N LYS A 104 -14.04 5.77 -2.05
CA LYS A 104 -12.88 5.58 -1.12
C LYS A 104 -12.67 6.81 -0.23
N TYR A 105 -13.57 7.81 -0.23
CA TYR A 105 -13.52 8.92 0.78
C TYR A 105 -14.45 8.61 1.98
N ARG A 106 -14.07 9.05 3.17
CA ARG A 106 -14.76 8.72 4.45
C ARG A 106 -15.58 9.92 4.93
N ASN A 107 -16.51 9.70 5.84
CA ASN A 107 -17.41 10.74 6.40
C ASN A 107 -16.64 11.39 7.54
N VAL A 108 -15.62 12.18 7.21
CA VAL A 108 -14.80 12.97 8.17
C VAL A 108 -15.07 14.44 7.91
N PRO A 109 -14.79 15.33 8.87
CA PRO A 109 -15.18 16.73 8.74
C PRO A 109 -14.55 17.51 7.56
N TYR A 110 -13.30 17.22 7.19
CA TYR A 110 -12.58 18.05 6.19
C TYR A 110 -12.04 17.21 5.01
N HIS A 111 -11.25 16.15 5.27
CA HIS A 111 -10.53 15.35 4.24
C HIS A 111 -11.47 14.32 3.60
N ASN A 112 -12.56 14.80 2.98
CA ASN A 112 -13.68 14.01 2.43
C ASN A 112 -13.78 14.35 0.94
N PHE A 113 -14.73 13.78 0.22
CA PHE A 113 -14.83 13.99 -1.24
C PHE A 113 -15.01 15.48 -1.62
N TYR A 114 -15.61 16.31 -0.73
CA TYR A 114 -15.87 17.75 -1.06
C TYR A 114 -14.52 18.47 -1.11
N HIS A 115 -13.58 18.13 -0.23
CA HIS A 115 -12.22 18.72 -0.28
C HIS A 115 -11.55 18.46 -1.65
N VAL A 116 -11.58 17.24 -2.17
CA VAL A 116 -10.84 16.90 -3.41
C VAL A 116 -11.55 17.47 -4.63
N VAL A 117 -12.88 17.58 -4.60
CA VAL A 117 -13.62 18.26 -5.71
C VAL A 117 -13.27 19.76 -5.68
N ASP A 118 -13.18 20.34 -4.49
CA ASP A 118 -12.78 21.76 -4.31
C ASP A 118 -11.34 21.97 -4.84
N VAL A 119 -10.39 21.06 -4.55
CA VAL A 119 -8.98 21.21 -5.04
C VAL A 119 -8.94 21.09 -6.57
N CYS A 120 -9.72 20.18 -7.17
CA CYS A 120 -9.89 20.06 -8.64
C CYS A 120 -10.38 21.40 -9.24
N GLN A 121 -11.55 21.85 -8.80
CA GLN A 121 -12.16 23.14 -9.24
C GLN A 121 -11.19 24.30 -9.08
N THR A 122 -10.46 24.36 -7.96
CA THR A 122 -9.52 25.46 -7.67
C THR A 122 -8.32 25.40 -8.64
N ILE A 123 -7.78 24.21 -8.84
CA ILE A 123 -6.64 24.03 -9.78
C ILE A 123 -7.10 24.49 -11.16
N HIS A 124 -8.31 24.14 -11.59
CA HIS A 124 -8.86 24.60 -12.89
C HIS A 124 -8.75 26.13 -13.00
N THR A 125 -9.16 26.86 -11.96
CA THR A 125 -9.07 28.34 -11.97
C THR A 125 -7.61 28.80 -12.05
N PHE A 126 -6.70 28.16 -11.34
CA PHE A 126 -5.27 28.56 -11.42
C PHE A 126 -4.74 28.38 -12.86
N LEU A 127 -5.08 27.27 -13.51
CA LEU A 127 -4.60 26.98 -14.90
C LEU A 127 -5.25 27.94 -15.91
N TYR A 128 -6.55 28.20 -15.81
CA TYR A 128 -7.33 28.80 -16.92
C TYR A 128 -7.77 30.26 -16.63
N ARG A 129 -7.89 30.69 -15.37
CA ARG A 129 -8.06 32.14 -15.05
C ARG A 129 -6.72 32.75 -14.62
N GLY A 130 -5.82 31.96 -14.01
CA GLY A 130 -4.48 32.44 -13.67
C GLY A 130 -3.49 32.30 -14.82
N ASN A 131 -3.88 31.62 -15.91
CA ASN A 131 -3.07 31.35 -17.13
C ASN A 131 -1.81 30.50 -16.83
N VAL A 132 -1.81 29.68 -15.78
CA VAL A 132 -0.67 28.77 -15.50
C VAL A 132 -0.59 27.68 -16.59
N TYR A 133 -1.67 27.43 -17.35
CA TYR A 133 -1.66 26.49 -18.51
C TYR A 133 -0.54 26.87 -19.50
N GLU A 134 -0.15 28.14 -19.60
CA GLU A 134 0.92 28.61 -20.54
C GLU A 134 2.29 27.96 -20.18
N LYS A 135 2.49 27.55 -18.91
CA LYS A 135 3.78 26.99 -18.44
C LYS A 135 3.79 25.44 -18.53
N LEU A 136 2.67 24.82 -18.91
CA LEU A 136 2.56 23.34 -18.86
C LEU A 136 2.08 22.79 -20.22
N THR A 137 2.18 21.48 -20.45
CA THR A 137 1.54 20.81 -21.62
C THR A 137 0.07 20.55 -21.32
N GLU A 138 -0.74 20.29 -22.35
CA GLU A 138 -2.17 19.90 -22.18
C GLU A 138 -2.24 18.59 -21.38
N LEU A 139 -1.28 17.69 -21.57
CA LEU A 139 -1.27 16.41 -20.81
C LEU A 139 -1.00 16.67 -19.30
N GLU A 140 -0.07 17.56 -18.96
CA GLU A 140 0.21 17.95 -17.55
C GLU A 140 -1.04 18.57 -16.89
N CYS A 141 -1.80 19.37 -17.61
CA CYS A 141 -3.07 20.01 -17.14
C CYS A 141 -4.12 18.90 -16.87
N PHE A 142 -4.25 17.94 -17.76
CA PHE A 142 -5.20 16.80 -17.58
C PHE A 142 -4.79 15.97 -16.35
N VAL A 143 -3.48 15.74 -16.21
CA VAL A 143 -2.94 14.96 -15.04
C VAL A 143 -3.25 15.70 -13.73
N LEU A 144 -3.07 17.03 -13.69
CA LEU A 144 -3.30 17.79 -12.43
C LEU A 144 -4.78 17.70 -12.01
N LEU A 145 -5.71 17.85 -12.94
CA LEU A 145 -7.14 17.79 -12.59
C LEU A 145 -7.50 16.38 -12.09
N ILE A 146 -7.02 15.34 -12.78
CA ILE A 146 -7.21 13.92 -12.35
C ILE A 146 -6.54 13.67 -10.96
N THR A 147 -5.32 14.14 -10.76
CA THR A 147 -4.58 13.91 -9.51
C THR A 147 -5.28 14.58 -8.30
N ALA A 148 -5.91 15.74 -8.51
CA ALA A 148 -6.68 16.43 -7.44
C ALA A 148 -7.66 15.42 -6.81
N LEU A 149 -8.31 14.58 -7.64
CA LEU A 149 -9.42 13.70 -7.21
C LEU A 149 -8.88 12.50 -6.43
N VAL A 150 -7.59 12.16 -6.58
CA VAL A 150 -6.99 10.96 -5.91
C VAL A 150 -6.15 11.35 -4.70
N HIS A 151 -5.76 12.63 -4.59
CA HIS A 151 -4.78 13.18 -3.61
C HIS A 151 -4.95 12.76 -2.13
N ASP A 152 -6.17 12.46 -1.68
CA ASP A 152 -6.45 12.17 -0.25
C ASP A 152 -7.39 10.96 -0.11
N LEU A 153 -7.23 9.96 -0.99
CA LEU A 153 -8.05 8.71 -0.94
C LEU A 153 -7.96 8.00 0.41
N ASP A 154 -9.09 7.69 1.01
CA ASP A 154 -9.17 6.90 2.28
C ASP A 154 -8.60 7.66 3.48
N HIS A 155 -8.58 9.00 3.47
CA HIS A 155 -8.10 9.78 4.65
C HIS A 155 -9.01 9.48 5.86
N MET A 156 -8.43 9.36 7.05
CA MET A 156 -9.22 9.06 8.28
C MET A 156 -9.33 10.28 9.21
N GLY A 157 -8.90 11.46 8.78
CA GLY A 157 -8.93 12.67 9.63
C GLY A 157 -7.86 12.65 10.70
N LEU A 158 -6.82 11.87 10.50
CA LEU A 158 -5.66 11.80 11.38
C LEU A 158 -4.42 12.09 10.52
N ASN A 159 -3.44 12.82 11.03
CA ASN A 159 -2.24 13.20 10.24
C ASN A 159 -1.09 12.20 10.45
N ASN A 160 0.03 12.37 9.73
CA ASN A 160 1.18 11.41 9.74
C ASN A 160 1.70 11.26 11.17
N SER A 161 1.79 12.36 11.89
CA SER A 161 2.36 12.39 13.26
C SER A 161 1.56 11.45 14.21
N PHE A 162 0.23 11.44 14.13
CA PHE A 162 -0.62 10.51 14.90
C PHE A 162 -0.11 9.06 14.73
N TYR A 163 0.06 8.59 13.50
CA TYR A 163 0.41 7.16 13.19
C TYR A 163 1.81 6.85 13.73
N LEU A 164 2.74 7.83 13.70
CA LEU A 164 4.12 7.59 14.14
C LEU A 164 4.17 7.59 15.69
N LYS A 165 3.54 8.59 16.32
CA LYS A 165 3.56 8.81 17.80
C LYS A 165 2.87 7.65 18.52
N THR A 166 1.76 7.13 18.00
CA THR A 166 1.00 6.04 18.66
C THR A 166 1.58 4.66 18.32
N GLU A 167 2.64 4.53 17.51
CA GLU A 167 3.13 3.20 17.05
C GLU A 167 1.99 2.37 16.41
N SER A 168 1.09 3.00 15.67
CA SER A 168 0.01 2.29 14.95
C SER A 168 0.65 1.35 13.92
N PRO A 169 -0.06 0.30 13.47
CA PRO A 169 0.48 -0.61 12.46
C PRO A 169 1.01 0.10 11.20
N LEU A 170 0.31 1.12 10.71
CA LEU A 170 0.74 1.87 9.50
C LEU A 170 2.00 2.70 9.81
N GLY A 171 2.10 3.24 11.03
CA GLY A 171 3.33 3.91 11.49
C GLY A 171 4.50 2.93 11.51
N ILE A 172 4.29 1.72 12.02
CA ILE A 172 5.38 0.68 12.11
C ILE A 172 5.85 0.35 10.68
N LEU A 173 4.93 0.12 9.76
CA LEU A 173 5.27 -0.23 8.34
C LEU A 173 6.06 0.91 7.69
N SER A 174 5.66 2.18 7.91
CA SER A 174 6.36 3.37 7.36
C SER A 174 7.81 3.38 7.84
N SER A 175 7.99 3.22 9.14
CA SER A 175 9.29 3.20 9.85
C SER A 175 10.16 2.08 9.26
N ALA A 176 9.65 0.86 9.24
CA ALA A 176 10.36 -0.32 8.69
C ALA A 176 10.65 -0.11 7.20
N SER A 177 9.77 0.56 6.44
CA SER A 177 9.93 0.89 5.00
C SER A 177 11.00 1.94 4.70
N GLY A 178 11.18 2.98 5.53
CA GLY A 178 12.00 4.16 5.17
C GLY A 178 11.21 5.48 5.08
N ASN A 179 10.00 5.49 4.52
CA ASN A 179 9.28 6.75 4.15
C ASN A 179 8.31 7.20 5.27
N THR A 180 8.48 8.42 5.81
CA THR A 180 7.62 9.00 6.90
C THR A 180 6.32 9.61 6.33
N SER A 181 6.14 9.64 5.00
CA SER A 181 4.88 10.13 4.35
C SER A 181 3.83 9.00 4.35
N VAL A 182 3.32 8.67 5.54
CA VAL A 182 2.41 7.51 5.80
C VAL A 182 1.17 7.62 4.92
N LEU A 183 0.44 8.74 5.00
CA LEU A 183 -0.82 8.93 4.28
C LEU A 183 -0.55 9.03 2.77
N GLU A 184 0.49 9.76 2.36
CA GLU A 184 0.66 10.14 0.92
C GLU A 184 1.00 8.87 0.13
N VAL A 185 1.84 7.97 0.67
CA VAL A 185 2.08 6.62 0.05
C VAL A 185 0.78 5.81 -0.01
N HIS A 186 -0.05 5.81 1.03
CA HIS A 186 -1.38 5.14 1.06
C HIS A 186 -2.27 5.68 -0.09
N HIS A 187 -2.38 7.00 -0.25
CA HIS A 187 -3.25 7.64 -1.30
C HIS A 187 -2.77 7.16 -2.70
N CYS A 188 -1.46 7.12 -2.92
CA CYS A 188 -0.85 6.69 -4.20
C CYS A 188 -1.21 5.22 -4.50
N ASN A 189 -1.10 4.33 -3.50
CA ASN A 189 -1.46 2.89 -3.63
C ASN A 189 -2.91 2.73 -4.09
N LEU A 190 -3.84 3.50 -3.52
CA LEU A 190 -5.27 3.40 -3.93
C LEU A 190 -5.51 4.01 -5.32
N ALA A 191 -4.79 5.08 -5.67
CA ALA A 191 -4.89 5.66 -7.02
C ALA A 191 -4.50 4.58 -8.06
N VAL A 192 -3.38 3.89 -7.82
CA VAL A 192 -2.89 2.82 -8.75
C VAL A 192 -3.93 1.69 -8.84
N GLU A 193 -4.57 1.30 -7.73
CA GLU A 193 -5.66 0.27 -7.77
C GLU A 193 -6.78 0.70 -8.72
N ILE A 194 -7.32 1.90 -8.55
CA ILE A 194 -8.44 2.39 -9.41
C ILE A 194 -8.03 2.33 -10.89
N LEU A 195 -6.83 2.80 -11.23
CA LEU A 195 -6.34 2.90 -12.64
C LEU A 195 -5.95 1.53 -13.22
N SER A 196 -5.78 0.48 -12.41
CA SER A 196 -5.46 -0.90 -12.88
C SER A 196 -6.65 -1.55 -13.60
N ASP A 197 -7.89 -1.06 -13.42
CA ASP A 197 -9.07 -1.54 -14.18
C ASP A 197 -9.32 -0.67 -15.41
N PRO A 198 -9.27 -1.22 -16.65
CA PRO A 198 -9.48 -0.40 -17.84
C PRO A 198 -10.79 0.40 -17.84
N GLU A 199 -11.85 -0.09 -17.18
CA GLU A 199 -13.19 0.57 -17.12
C GLU A 199 -13.15 1.87 -16.24
N SER A 200 -12.12 2.06 -15.41
CA SER A 200 -11.93 3.31 -14.61
C SER A 200 -10.55 3.94 -14.85
N ASP A 201 -9.86 3.58 -15.95
CA ASP A 201 -8.49 4.07 -16.29
C ASP A 201 -8.56 5.23 -17.27
N VAL A 202 -8.52 6.47 -16.74
CA VAL A 202 -8.61 7.72 -17.54
C VAL A 202 -7.32 7.91 -18.34
N PHE A 203 -6.28 7.10 -18.11
CA PHE A 203 -5.00 7.14 -18.87
C PHE A 203 -4.92 5.98 -19.89
N ASP A 204 -5.97 5.18 -20.08
CA ASP A 204 -5.92 3.97 -20.97
C ASP A 204 -5.68 4.32 -22.44
N GLY A 205 -6.03 5.54 -22.85
CA GLY A 205 -5.82 6.07 -24.21
C GLY A 205 -4.41 6.54 -24.47
N LEU A 206 -3.54 6.57 -23.45
CA LEU A 206 -2.10 6.94 -23.63
C LEU A 206 -1.28 5.65 -23.80
N GLU A 207 -0.12 5.76 -24.43
CA GLU A 207 0.87 4.65 -24.45
C GLU A 207 2.28 5.22 -24.35
N GLY A 208 3.25 4.36 -24.12
CA GLY A 208 4.67 4.72 -24.18
C GLY A 208 4.97 5.83 -23.19
N ALA A 209 5.82 6.76 -23.60
CA ALA A 209 6.35 7.86 -22.77
C ALA A 209 5.20 8.68 -22.15
N GLU A 210 4.12 8.92 -22.90
CA GLU A 210 2.99 9.72 -22.36
C GLU A 210 2.36 9.01 -21.17
N ARG A 211 2.14 7.71 -21.27
CA ARG A 211 1.52 6.93 -20.16
C ARG A 211 2.45 6.92 -18.95
N THR A 212 3.73 6.69 -19.15
CA THR A 212 4.75 6.70 -18.07
C THR A 212 4.77 8.10 -17.41
N LEU A 213 4.73 9.19 -18.19
CA LEU A 213 4.77 10.56 -17.59
C LEU A 213 3.51 10.78 -16.73
N ALA A 214 2.33 10.34 -17.17
CA ALA A 214 1.06 10.52 -16.45
C ALA A 214 1.15 9.85 -15.06
N PHE A 215 1.56 8.59 -14.99
CA PHE A 215 1.73 7.87 -13.70
C PHE A 215 2.81 8.53 -12.82
N ARG A 216 3.97 8.82 -13.38
CA ARG A 216 5.12 9.31 -12.56
C ARG A 216 4.79 10.73 -12.03
N SER A 217 4.18 11.58 -12.83
CA SER A 217 3.89 12.99 -12.41
C SER A 217 2.76 12.98 -11.38
N MET A 218 1.75 12.11 -11.55
CA MET A 218 0.66 11.94 -10.57
C MET A 218 1.24 11.55 -9.20
N ILE A 219 2.15 10.57 -9.17
CA ILE A 219 2.71 10.06 -7.90
C ILE A 219 3.60 11.15 -7.26
N ASP A 220 4.49 11.77 -8.04
CA ASP A 220 5.37 12.87 -7.54
C ASP A 220 4.51 13.97 -6.88
N CYS A 221 3.41 14.39 -7.51
CA CYS A 221 2.55 15.48 -6.99
C CYS A 221 1.90 15.06 -5.67
N VAL A 222 1.31 13.86 -5.59
CA VAL A 222 0.68 13.39 -4.32
C VAL A 222 1.74 13.36 -3.20
N LEU A 223 2.92 12.76 -3.46
CA LEU A 223 3.97 12.69 -2.41
C LEU A 223 4.40 14.10 -1.99
N ALA A 224 4.34 15.11 -2.88
CA ALA A 224 4.72 16.51 -2.57
C ALA A 224 3.70 17.23 -1.67
N THR A 225 2.53 16.64 -1.42
CA THR A 225 1.50 17.27 -0.54
C THR A 225 1.82 17.06 0.94
N ASP A 226 2.80 16.25 1.33
CA ASP A 226 3.18 16.09 2.77
C ASP A 226 3.78 17.41 3.25
N MET A 227 3.16 18.08 4.21
CA MET A 227 3.62 19.45 4.61
C MET A 227 5.03 19.43 5.27
N ALA A 228 5.60 18.27 5.62
CA ALA A 228 7.02 18.17 6.07
C ALA A 228 8.02 18.46 4.93
N LYS A 229 7.59 18.38 3.67
CA LYS A 229 8.45 18.68 2.48
C LYS A 229 8.16 20.09 1.95
N HIS A 230 7.34 20.91 2.65
CA HIS A 230 6.82 22.22 2.13
C HIS A 230 7.99 23.15 1.75
N GLY A 231 8.91 23.38 2.69
CA GLY A 231 10.12 24.20 2.48
C GLY A 231 10.95 23.71 1.30
N SER A 232 11.25 22.41 1.24
CA SER A 232 12.15 21.88 0.17
C SER A 232 11.43 21.93 -1.20
N ALA A 233 10.12 21.68 -1.28
CA ALA A 233 9.33 21.81 -2.55
C ALA A 233 9.32 23.27 -3.02
N LEU A 234 9.04 24.20 -2.13
CA LEU A 234 9.04 25.65 -2.48
C LEU A 234 10.45 26.07 -2.94
N GLU A 235 11.53 25.73 -2.21
CA GLU A 235 12.91 26.14 -2.65
C GLU A 235 13.20 25.54 -4.03
N ALA A 236 12.91 24.26 -4.27
CA ALA A 236 13.19 23.59 -5.55
C ALA A 236 12.39 24.28 -6.67
N PHE A 237 11.12 24.66 -6.45
CA PHE A 237 10.34 25.39 -7.49
C PHE A 237 11.01 26.74 -7.81
N LEU A 238 11.38 27.53 -6.80
CA LEU A 238 11.91 28.90 -7.01
C LEU A 238 13.25 28.80 -7.77
N ALA A 239 14.10 27.83 -7.44
CA ALA A 239 15.39 27.62 -8.15
C ALA A 239 15.10 27.29 -9.63
N SER A 240 14.15 26.39 -9.92
CA SER A 240 13.87 26.00 -11.32
C SER A 240 13.20 27.17 -12.06
N ALA A 241 12.43 28.02 -11.39
CA ALA A 241 11.71 29.14 -12.05
C ALA A 241 12.73 30.22 -12.46
N ALA A 242 13.86 30.31 -11.75
CA ALA A 242 14.91 31.33 -12.03
C ALA A 242 15.80 30.90 -13.20
N ASP A 243 15.77 29.62 -13.61
CA ASP A 243 16.61 29.09 -14.71
C ASP A 243 15.84 27.97 -15.45
N GLN A 244 14.73 28.31 -16.10
CA GLN A 244 13.81 27.32 -16.72
C GLN A 244 14.54 26.53 -17.83
N SER A 245 15.25 27.20 -18.75
CA SER A 245 15.76 26.57 -20.02
C SER A 245 16.89 25.58 -19.72
N SER A 246 17.54 25.73 -18.58
CA SER A 246 18.66 24.81 -18.24
C SER A 246 18.16 23.44 -17.75
N ASP A 247 16.87 23.29 -17.46
CA ASP A 247 16.24 21.99 -17.07
C ASP A 247 14.71 22.12 -17.15
N GLU A 248 14.16 22.04 -18.35
CA GLU A 248 12.70 22.20 -18.54
C GLU A 248 11.93 21.03 -17.90
N ALA A 249 12.46 19.81 -17.95
CA ALA A 249 11.81 18.63 -17.30
C ALA A 249 11.60 18.95 -15.81
N ALA A 250 12.63 19.45 -15.11
CA ALA A 250 12.54 19.77 -13.68
C ALA A 250 11.55 20.93 -13.47
N PHE A 251 11.63 21.98 -14.28
CA PHE A 251 10.73 23.16 -14.15
C PHE A 251 9.27 22.69 -14.29
N HIS A 252 8.94 21.90 -15.30
CA HIS A 252 7.55 21.41 -15.52
C HIS A 252 7.11 20.55 -14.34
N ARG A 253 7.96 19.67 -13.83
CA ARG A 253 7.57 18.75 -12.72
C ARG A 253 7.33 19.57 -11.44
N MET A 254 8.19 20.54 -11.13
CA MET A 254 8.09 21.37 -9.91
C MET A 254 6.86 22.29 -10.04
N THR A 255 6.49 22.76 -11.23
CA THR A 255 5.29 23.63 -11.40
C THR A 255 4.03 22.79 -11.12
N MET A 256 4.01 21.53 -11.61
CA MET A 256 2.93 20.60 -11.27
C MET A 256 2.87 20.41 -9.73
N GLU A 257 3.99 20.16 -9.04
CA GLU A 257 3.96 19.89 -7.57
C GLU A 257 3.41 21.15 -6.86
N ILE A 258 3.88 22.33 -7.25
CA ILE A 258 3.58 23.61 -6.58
C ILE A 258 2.10 23.94 -6.86
N ILE A 259 1.52 23.54 -7.99
CA ILE A 259 0.07 23.84 -8.31
C ILE A 259 -0.80 22.90 -7.48
N LEU A 260 -0.42 21.63 -7.27
CA LEU A 260 -1.24 20.72 -6.43
C LEU A 260 -1.17 21.25 -4.99
N LYS A 261 0.02 21.61 -4.53
CA LYS A 261 0.24 22.17 -3.19
C LYS A 261 -0.60 23.45 -3.03
N ALA A 262 -0.59 24.34 -4.01
CA ALA A 262 -1.36 25.62 -3.96
C ALA A 262 -2.86 25.32 -3.83
N GLY A 263 -3.35 24.35 -4.60
CA GLY A 263 -4.77 23.93 -4.51
C GLY A 263 -5.08 23.39 -3.13
N ASP A 264 -4.19 22.60 -2.58
CA ASP A 264 -4.37 21.94 -1.27
C ASP A 264 -4.44 22.97 -0.11
N ILE A 265 -3.74 24.11 -0.17
CA ILE A 265 -3.81 25.16 0.89
C ILE A 265 -4.56 26.41 0.38
N SER A 266 -5.48 26.27 -0.58
CA SER A 266 -6.17 27.39 -1.25
C SER A 266 -7.35 27.93 -0.42
N ASN A 267 -7.71 27.37 0.72
CA ASN A 267 -8.94 27.81 1.43
C ASN A 267 -8.84 29.30 1.80
N VAL A 268 -7.65 29.81 2.15
CA VAL A 268 -7.44 31.24 2.53
C VAL A 268 -7.48 32.18 1.31
N THR A 269 -7.56 31.66 0.07
CA THR A 269 -7.62 32.48 -1.16
C THR A 269 -9.08 32.68 -1.60
N LYS A 270 -10.05 32.21 -0.84
CA LYS A 270 -11.45 32.22 -1.26
C LYS A 270 -12.20 33.39 -0.61
N PRO A 271 -13.40 33.76 -1.13
CA PRO A 271 -14.30 34.71 -0.44
C PRO A 271 -14.42 34.35 1.04
N PHE A 272 -14.42 35.36 1.90
CA PHE A 272 -14.25 35.16 3.36
C PHE A 272 -15.16 34.05 3.93
N ASP A 273 -16.45 34.04 3.59
CA ASP A 273 -17.44 33.09 4.21
C ASP A 273 -17.08 31.66 3.78
N ILE A 274 -16.70 31.43 2.51
CA ILE A 274 -16.18 30.10 2.04
C ILE A 274 -14.93 29.73 2.85
N SER A 275 -13.99 30.67 3.00
CA SER A 275 -12.73 30.48 3.75
C SER A 275 -13.03 30.03 5.19
N ARG A 276 -13.97 30.70 5.85
CA ARG A 276 -14.35 30.44 7.28
C ARG A 276 -14.95 29.04 7.45
N GLN A 277 -15.85 28.63 6.58
CA GLN A 277 -16.49 27.28 6.62
C GLN A 277 -15.39 26.19 6.50
N TRP A 278 -14.38 26.36 5.64
CA TRP A 278 -13.27 25.36 5.58
C TRP A 278 -12.49 25.33 6.88
N ALA A 279 -12.17 26.50 7.44
CA ALA A 279 -11.41 26.65 8.70
C ALA A 279 -12.16 25.95 9.86
N MET A 280 -13.47 26.15 9.96
CA MET A 280 -14.31 25.45 10.98
C MET A 280 -14.19 23.92 10.83
N ALA A 281 -14.26 23.41 9.60
CA ALA A 281 -14.17 21.96 9.30
C ALA A 281 -12.77 21.40 9.64
N VAL A 282 -11.68 22.06 9.27
CA VAL A 282 -10.31 21.55 9.61
C VAL A 282 -10.17 21.53 11.15
N THR A 283 -10.64 22.57 11.80
CA THR A 283 -10.55 22.72 13.28
C THR A 283 -11.22 21.53 13.99
N GLU A 284 -12.43 21.14 13.58
CA GLU A 284 -13.13 19.96 14.14
C GLU A 284 -12.24 18.70 13.98
N GLU A 285 -11.60 18.50 12.81
CA GLU A 285 -10.71 17.31 12.63
C GLU A 285 -9.53 17.37 13.60
N PHE A 286 -8.88 18.52 13.75
CA PHE A 286 -7.72 18.69 14.66
C PHE A 286 -8.15 18.28 16.10
N TYR A 287 -9.35 18.70 16.52
CA TYR A 287 -9.86 18.45 17.89
C TYR A 287 -10.18 16.97 18.08
N ARG A 288 -10.77 16.32 17.07
CA ARG A 288 -11.09 14.87 17.13
C ARG A 288 -9.78 14.06 17.21
N GLN A 289 -8.74 14.46 16.47
CA GLN A 289 -7.39 13.85 16.63
C GLN A 289 -6.90 14.04 18.08
N GLY A 290 -6.94 15.27 18.61
CA GLY A 290 -6.47 15.56 19.97
C GLY A 290 -7.13 14.65 21.00
N ASP A 291 -8.45 14.48 20.89
CA ASP A 291 -9.27 13.65 21.82
C ASP A 291 -8.80 12.19 21.74
N MET A 292 -8.58 11.67 20.53
CA MET A 292 -8.04 10.30 20.32
C MET A 292 -6.62 10.19 20.88
N GLU A 293 -5.82 11.26 20.81
CA GLU A 293 -4.45 11.26 21.39
C GLU A 293 -4.52 11.21 22.93
N LYS A 294 -5.57 11.78 23.53
CA LYS A 294 -5.74 11.80 25.01
C LYS A 294 -6.06 10.39 25.54
N GLU A 295 -7.02 9.69 24.93
CA GLU A 295 -7.35 8.25 25.20
C GLU A 295 -6.07 7.41 25.23
N ARG A 296 -5.15 7.63 24.26
CA ARG A 296 -3.93 6.81 24.05
C ARG A 296 -2.79 7.35 24.92
N GLY A 297 -3.08 8.32 25.80
CA GLY A 297 -2.09 8.97 26.66
C GLY A 297 -0.82 9.40 25.92
N VAL A 298 -0.95 9.97 24.71
CA VAL A 298 0.21 10.59 23.98
C VAL A 298 0.06 12.11 24.02
N GLU A 299 1.17 12.79 23.72
CA GLU A 299 1.29 14.28 23.70
C GLU A 299 0.27 14.87 22.72
N VAL A 300 -0.52 15.86 23.18
CA VAL A 300 -1.49 16.66 22.38
C VAL A 300 -0.97 18.09 22.25
N LEU A 301 -0.45 18.46 21.08
CA LEU A 301 -0.02 19.84 20.74
C LEU A 301 -1.19 20.82 20.97
N PRO A 302 -0.92 22.07 21.38
CA PRO A 302 -2.00 23.01 21.70
C PRO A 302 -3.14 23.20 20.66
N MET A 303 -2.83 23.32 19.36
CA MET A 303 -3.87 23.57 18.32
C MET A 303 -4.79 22.34 18.20
N PHE A 304 -4.44 21.19 18.76
CA PHE A 304 -5.27 19.95 18.69
C PHE A 304 -6.10 19.78 19.97
N ASP A 305 -5.88 20.66 20.97
CA ASP A 305 -6.46 20.58 22.34
C ASP A 305 -7.78 21.38 22.43
N ARG A 306 -8.88 20.64 22.39
CA ARG A 306 -10.29 21.11 22.48
C ARG A 306 -10.51 21.89 23.79
N SER A 307 -9.60 21.73 24.76
CA SER A 307 -9.74 22.33 26.12
C SER A 307 -9.24 23.77 26.13
N LYS A 308 -8.19 24.13 25.40
CA LYS A 308 -7.78 25.56 25.28
C LYS A 308 -8.95 26.35 24.66
N ASN A 309 -9.01 27.65 24.92
CA ASN A 309 -10.10 28.53 24.41
C ASN A 309 -10.00 28.69 22.89
N MET A 310 -10.38 27.62 22.15
CA MET A 310 -10.42 27.47 20.66
C MET A 310 -9.59 28.52 19.92
N GLU A 311 -10.19 29.69 19.62
CA GLU A 311 -9.72 30.96 18.94
C GLU A 311 -9.31 30.85 17.47
N LEU A 312 -10.31 30.77 16.60
CA LEU A 312 -10.19 30.48 15.17
C LEU A 312 -9.47 31.65 14.46
N ALA A 313 -9.74 32.91 14.85
CA ALA A 313 -9.12 34.08 14.20
C ALA A 313 -7.60 34.02 14.42
N LYS A 314 -7.15 33.66 15.63
CA LYS A 314 -5.69 33.57 15.92
C LYS A 314 -5.05 32.44 15.11
N GLY A 315 -5.69 31.28 15.00
CA GLY A 315 -5.16 30.17 14.20
C GLY A 315 -5.07 30.55 12.72
N GLN A 316 -6.10 31.16 12.14
CA GLN A 316 -6.11 31.53 10.69
C GLN A 316 -5.05 32.62 10.43
N ILE A 317 -4.90 33.62 11.30
CA ILE A 317 -3.80 34.61 11.13
C ILE A 317 -2.43 33.91 11.19
N GLY A 318 -2.23 32.94 12.09
CA GLY A 318 -0.93 32.26 12.21
C GLY A 318 -0.62 31.43 10.96
N PHE A 319 -1.61 30.71 10.46
CA PHE A 319 -1.51 29.92 9.21
C PHE A 319 -1.19 30.86 8.06
N ILE A 320 -1.94 31.95 7.94
CA ILE A 320 -1.65 32.96 6.87
C ILE A 320 -0.22 33.50 7.00
N ASP A 321 0.24 33.89 8.18
CA ASP A 321 1.54 34.61 8.32
C ASP A 321 2.72 33.64 8.14
N PHE A 322 2.65 32.43 8.70
CA PHE A 322 3.77 31.45 8.69
C PHE A 322 3.76 30.54 7.43
N VAL A 323 2.60 30.25 6.82
CA VAL A 323 2.54 29.28 5.69
C VAL A 323 2.06 29.96 4.41
N ALA A 324 0.79 30.39 4.34
CA ALA A 324 0.11 30.69 3.06
C ALA A 324 0.57 32.02 2.42
N ALA A 325 0.64 33.13 3.16
CA ALA A 325 1.03 34.44 2.59
C ALA A 325 2.42 34.35 1.94
N PRO A 326 3.47 33.84 2.62
CA PRO A 326 4.79 33.75 1.97
C PRO A 326 4.86 32.78 0.75
N PHE A 327 4.12 31.67 0.80
CA PHE A 327 4.00 30.69 -0.31
C PHE A 327 3.41 31.38 -1.54
N PHE A 328 2.20 31.92 -1.44
CA PHE A 328 1.53 32.52 -2.61
C PHE A 328 2.33 33.75 -3.11
N GLN A 329 2.87 34.59 -2.22
CA GLN A 329 3.58 35.81 -2.70
C GLN A 329 4.85 35.40 -3.46
N LYS A 330 5.58 34.40 -2.97
CA LYS A 330 6.83 33.95 -3.63
C LYS A 330 6.57 33.31 -5.01
N ILE A 331 5.60 32.41 -5.12
CA ILE A 331 5.32 31.73 -6.42
C ILE A 331 4.80 32.75 -7.43
N VAL A 332 4.05 33.76 -6.98
CA VAL A 332 3.47 34.79 -7.89
C VAL A 332 4.61 35.71 -8.40
N ASP A 333 5.49 36.14 -7.50
CA ASP A 333 6.65 37.01 -7.83
C ASP A 333 7.65 36.24 -8.71
N ALA A 334 7.84 34.94 -8.56
CA ALA A 334 8.88 34.18 -9.30
C ALA A 334 8.43 33.94 -10.75
N CYS A 335 7.13 33.78 -11.02
CA CYS A 335 6.67 33.55 -12.40
C CYS A 335 5.15 33.40 -12.57
N LEU A 336 4.35 33.10 -11.53
CA LEU A 336 2.87 32.90 -11.71
C LEU A 336 2.12 34.22 -11.49
N GLN A 337 2.39 35.21 -12.34
CA GLN A 337 1.86 36.59 -12.21
C GLN A 337 0.33 36.60 -12.33
N GLY A 338 -0.23 35.74 -13.16
CA GLY A 338 -1.68 35.63 -13.35
C GLY A 338 -2.45 35.30 -12.08
N MET A 339 -1.78 34.73 -11.06
CA MET A 339 -2.42 34.28 -9.78
C MET A 339 -2.38 35.38 -8.69
N GLN A 340 -2.17 36.65 -9.06
CA GLN A 340 -2.06 37.81 -8.13
C GLN A 340 -3.32 37.93 -7.25
N TRP A 341 -4.53 37.62 -7.75
CA TRP A 341 -5.79 37.63 -6.94
C TRP A 341 -5.62 36.78 -5.66
N THR A 342 -4.86 35.69 -5.67
CA THR A 342 -4.71 34.85 -4.46
C THR A 342 -4.06 35.70 -3.33
N VAL A 343 -3.05 36.49 -3.66
CA VAL A 343 -2.33 37.37 -2.69
C VAL A 343 -3.29 38.45 -2.16
N ASP A 344 -4.05 39.08 -3.05
CA ASP A 344 -4.99 40.16 -2.67
C ASP A 344 -6.07 39.58 -1.72
N ARG A 345 -6.66 38.42 -2.05
CA ARG A 345 -7.69 37.80 -1.18
C ARG A 345 -7.10 37.37 0.19
N ILE A 346 -5.91 36.79 0.22
CA ILE A 346 -5.26 36.44 1.51
C ILE A 346 -5.17 37.70 2.37
N LYS A 347 -4.73 38.83 1.82
CA LYS A 347 -4.62 40.09 2.59
C LYS A 347 -5.98 40.51 3.14
N SER A 348 -7.02 40.47 2.31
CA SER A 348 -8.38 40.93 2.72
C SER A 348 -8.98 39.99 3.78
N ASN A 349 -8.72 38.68 3.69
CA ASN A 349 -9.19 37.68 4.69
C ASN A 349 -8.43 37.91 6.01
N ARG A 350 -7.10 38.11 5.95
CA ARG A 350 -6.32 38.37 7.18
C ARG A 350 -6.91 39.61 7.92
N ALA A 351 -7.22 40.69 7.18
CA ALA A 351 -7.75 41.96 7.77
C ALA A 351 -9.10 41.69 8.44
N GLN A 352 -9.95 40.85 7.83
CA GLN A 352 -11.25 40.44 8.42
C GLN A 352 -11.00 39.68 9.73
N TRP A 353 -10.06 38.73 9.80
CA TRP A 353 -9.78 37.98 11.06
C TRP A 353 -9.24 38.94 12.13
N GLU A 354 -8.46 39.92 11.73
CA GLU A 354 -7.91 40.96 12.64
C GLU A 354 -9.07 41.73 13.30
N ARG A 355 -10.08 42.11 12.52
CA ARG A 355 -11.25 42.83 13.05
C ARG A 355 -12.05 41.97 14.02
N VAL A 356 -12.14 40.67 13.78
CA VAL A 356 -12.83 39.77 14.73
C VAL A 356 -12.16 39.94 16.11
N LEU A 357 -10.83 39.83 16.16
CA LEU A 357 -10.04 40.03 17.40
C LEU A 357 -10.15 41.46 17.96
N GLU A 358 -10.12 42.51 17.13
CA GLU A 358 -10.14 43.91 17.62
C GLU A 358 -11.47 44.25 18.26
N THR A 359 -12.57 43.59 17.89
CA THR A 359 -13.93 43.94 18.40
C THR A 359 -14.35 43.03 19.57
N ARG A 360 -13.51 42.05 19.95
CA ARG A 360 -13.87 41.11 21.05
C ARG A 360 -13.93 41.88 22.39
N VAL B 28 -11.67 -6.28 4.96
CA VAL B 28 -12.73 -5.29 5.41
C VAL B 28 -14.14 -5.91 5.28
N THR B 29 -14.52 -6.67 4.21
CA THR B 29 -15.87 -7.33 4.10
C THR B 29 -15.99 -8.60 4.96
N ALA B 30 -17.08 -8.72 5.73
CA ALA B 30 -17.28 -9.71 6.82
C ALA B 30 -17.27 -11.15 6.25
N ILE B 31 -16.64 -12.08 6.99
CA ILE B 31 -16.74 -13.54 6.72
C ILE B 31 -18.13 -14.02 7.20
N THR B 32 -18.80 -14.88 6.42
CA THR B 32 -20.16 -15.43 6.70
C THR B 32 -20.09 -16.75 7.49
N LYS B 33 -21.21 -17.08 8.14
CA LYS B 33 -21.42 -18.39 8.82
C LYS B 33 -21.19 -19.53 7.81
N VAL B 34 -21.76 -19.44 6.61
CA VAL B 34 -21.68 -20.49 5.56
C VAL B 34 -20.20 -20.73 5.19
N GLU B 35 -19.47 -19.64 4.93
CA GLU B 35 -18.01 -19.68 4.62
C GLU B 35 -17.29 -20.46 5.72
N ARG B 36 -17.56 -20.18 7.00
CA ARG B 36 -16.90 -20.90 8.13
C ARG B 36 -17.29 -22.39 8.14
N GLU B 37 -18.58 -22.71 7.94
CA GLU B 37 -19.11 -24.10 8.01
C GLU B 37 -18.43 -24.97 6.95
N ALA B 38 -18.25 -24.46 5.73
CA ALA B 38 -17.64 -25.21 4.61
C ALA B 38 -16.20 -25.64 4.98
N VAL B 39 -15.50 -24.92 5.86
CA VAL B 39 -14.16 -25.37 6.35
C VAL B 39 -14.33 -26.36 7.50
N LEU B 40 -15.22 -26.06 8.45
CA LEU B 40 -15.38 -26.89 9.69
C LEU B 40 -15.82 -28.32 9.34
N VAL B 41 -16.53 -28.56 8.23
CA VAL B 41 -16.99 -29.93 7.82
C VAL B 41 -15.83 -30.78 7.26
N CYS B 42 -14.64 -30.25 6.96
CA CYS B 42 -13.54 -31.06 6.33
C CYS B 42 -12.93 -32.02 7.36
N GLU B 43 -12.72 -33.29 7.01
CA GLU B 43 -12.36 -34.36 7.97
C GLU B 43 -10.85 -34.68 8.00
N LEU B 44 -10.22 -34.94 6.85
CA LEU B 44 -8.75 -35.18 6.78
C LEU B 44 -8.34 -36.41 7.57
N PRO B 45 -9.13 -37.50 7.56
CA PRO B 45 -8.72 -38.70 8.27
C PRO B 45 -7.61 -39.25 7.35
N SER B 46 -6.63 -39.92 7.93
CA SER B 46 -5.50 -40.52 7.17
C SER B 46 -4.36 -39.51 6.98
N PHE B 47 -4.50 -38.26 7.47
CA PHE B 47 -3.46 -37.20 7.38
C PHE B 47 -3.01 -36.79 8.78
N ASP B 48 -1.70 -36.56 8.96
CA ASP B 48 -1.11 -35.91 10.16
C ASP B 48 -0.39 -34.62 9.72
N VAL B 49 -1.01 -33.47 9.98
CA VAL B 49 -0.55 -32.13 9.51
C VAL B 49 0.72 -31.75 10.25
N THR B 50 1.14 -32.48 11.30
CA THR B 50 2.38 -32.17 12.06
C THR B 50 3.59 -32.94 11.51
N ASP B 51 3.39 -33.88 10.57
CA ASP B 51 4.44 -34.84 10.12
C ASP B 51 5.29 -34.23 8.99
N VAL B 52 6.61 -34.49 8.99
CA VAL B 52 7.50 -33.97 7.90
C VAL B 52 7.15 -34.63 6.55
N GLU B 53 6.41 -35.75 6.52
CA GLU B 53 6.05 -36.42 5.24
C GLU B 53 4.63 -36.04 4.81
N PHE B 54 3.95 -35.11 5.48
CA PHE B 54 2.59 -34.64 5.07
C PHE B 54 2.65 -34.20 3.62
N ASP B 55 1.63 -34.58 2.83
CA ASP B 55 1.51 -34.35 1.36
C ASP B 55 0.28 -33.48 1.09
N LEU B 56 0.48 -32.18 0.91
CA LEU B 56 -0.61 -31.21 0.58
C LEU B 56 -1.24 -31.55 -0.78
N PHE B 57 -0.49 -32.09 -1.73
CA PHE B 57 -1.02 -32.44 -3.08
C PHE B 57 -2.06 -33.57 -2.95
N ARG B 58 -1.74 -34.56 -2.13
CA ARG B 58 -2.68 -35.68 -1.84
C ARG B 58 -3.89 -35.12 -1.08
N ALA B 59 -3.70 -34.22 -0.10
CA ALA B 59 -4.86 -33.63 0.61
C ALA B 59 -5.75 -32.86 -0.39
N ARG B 60 -5.18 -32.07 -1.30
CA ARG B 60 -5.95 -31.29 -2.31
C ARG B 60 -6.73 -32.24 -3.23
N GLU B 61 -6.12 -33.35 -3.64
CA GLU B 61 -6.70 -34.31 -4.65
C GLU B 61 -7.86 -35.08 -4.01
N SER B 62 -7.98 -35.08 -2.67
CA SER B 62 -8.89 -35.96 -1.90
C SER B 62 -10.31 -35.40 -1.86
N THR B 63 -10.56 -34.21 -2.36
CA THR B 63 -11.90 -33.53 -2.24
C THR B 63 -12.13 -32.73 -3.51
N ASP B 64 -13.40 -32.39 -3.78
CA ASP B 64 -13.81 -31.45 -4.85
C ASP B 64 -13.72 -29.99 -4.36
N LYS B 65 -13.69 -29.63 -3.13
CA LYS B 65 -13.46 -28.25 -2.70
C LYS B 65 -12.07 -28.19 -2.05
N PRO B 66 -10.77 -28.25 -2.78
CA PRO B 66 -9.39 -28.18 -2.26
C PRO B 66 -9.09 -26.88 -1.47
N LEU B 67 -9.73 -25.77 -1.82
CA LEU B 67 -9.51 -24.49 -1.09
C LEU B 67 -10.07 -24.59 0.34
N ASP B 68 -11.12 -25.38 0.54
CA ASP B 68 -11.69 -25.59 1.89
C ASP B 68 -10.76 -26.51 2.68
N VAL B 69 -10.23 -27.55 2.05
CA VAL B 69 -9.29 -28.50 2.73
C VAL B 69 -8.00 -27.74 3.14
N ALA B 70 -7.46 -26.88 2.28
CA ALA B 70 -6.23 -26.10 2.64
C ALA B 70 -6.48 -25.16 3.85
N ALA B 71 -7.64 -24.48 3.92
CA ALA B 71 -8.02 -23.62 5.07
C ALA B 71 -8.20 -24.47 6.33
N ALA B 72 -8.81 -25.65 6.23
CA ALA B 72 -8.99 -26.53 7.41
C ALA B 72 -7.61 -27.01 7.92
N ILE B 73 -6.64 -27.23 7.04
CA ILE B 73 -5.26 -27.63 7.45
C ILE B 73 -4.61 -26.53 8.31
N ALA B 74 -4.66 -25.29 7.85
CA ALA B 74 -4.14 -24.12 8.58
C ALA B 74 -4.86 -23.99 9.93
N TYR B 75 -6.18 -24.12 9.94
CA TYR B 75 -6.99 -24.03 11.17
C TYR B 75 -6.56 -25.11 12.18
N ARG B 76 -6.50 -26.38 11.76
CA ARG B 76 -6.15 -27.50 12.67
C ARG B 76 -4.71 -27.36 13.17
N LEU B 77 -3.81 -26.87 12.34
CA LEU B 77 -2.39 -26.66 12.70
C LEU B 77 -2.29 -25.61 13.82
N LEU B 78 -2.91 -24.45 13.62
CA LEU B 78 -2.79 -23.32 14.59
C LEU B 78 -3.48 -23.73 15.91
N LEU B 79 -4.70 -24.26 15.88
CA LEU B 79 -5.42 -24.64 17.14
C LEU B 79 -4.70 -25.78 17.87
N GLY B 80 -4.19 -26.77 17.12
CA GLY B 80 -3.42 -27.90 17.66
C GLY B 80 -2.17 -27.44 18.37
N SER B 81 -1.58 -26.31 17.98
CA SER B 81 -0.34 -25.77 18.60
C SER B 81 -0.58 -25.27 20.03
N GLY B 82 -1.82 -24.94 20.35
CA GLY B 82 -2.11 -24.27 21.65
C GLY B 82 -1.80 -22.79 21.70
N LEU B 83 -1.28 -22.18 20.61
CA LEU B 83 -0.72 -20.78 20.68
C LEU B 83 -1.82 -19.71 20.62
N PRO B 84 -2.82 -19.80 19.73
CA PRO B 84 -3.91 -18.82 19.70
C PRO B 84 -4.63 -18.75 21.05
N GLN B 85 -4.86 -19.91 21.67
CA GLN B 85 -5.53 -20.02 23.00
C GLN B 85 -4.68 -19.28 24.04
N LYS B 86 -3.38 -19.53 24.09
CA LYS B 86 -2.47 -18.81 25.02
C LYS B 86 -2.59 -17.29 24.85
N PHE B 87 -2.74 -16.76 23.62
CA PHE B 87 -2.59 -15.32 23.32
C PHE B 87 -3.93 -14.65 23.04
N GLY B 88 -5.05 -15.23 23.52
CA GLY B 88 -6.36 -14.54 23.54
C GLY B 88 -7.01 -14.49 22.17
N CYS B 89 -6.66 -15.38 21.24
CA CYS B 89 -7.29 -15.45 19.89
C CYS B 89 -8.38 -16.53 19.90
N SER B 90 -9.65 -16.17 19.72
CA SER B 90 -10.75 -17.17 19.74
C SER B 90 -10.66 -18.03 18.47
N ASP B 91 -11.31 -19.20 18.47
CA ASP B 91 -11.42 -20.11 17.31
C ASP B 91 -12.04 -19.36 16.12
N GLU B 92 -13.03 -18.54 16.38
CA GLU B 92 -13.81 -17.90 15.29
C GLU B 92 -12.99 -16.72 14.69
N VAL B 93 -12.29 -15.93 15.49
CA VAL B 93 -11.38 -14.85 14.99
C VAL B 93 -10.26 -15.52 14.16
N LEU B 94 -9.70 -16.66 14.60
CA LEU B 94 -8.66 -17.41 13.85
C LEU B 94 -9.18 -17.87 12.47
N LEU B 95 -10.39 -18.44 12.41
CA LEU B 95 -10.95 -18.95 11.13
C LEU B 95 -11.26 -17.75 10.22
N ASN B 96 -11.83 -16.65 10.73
CA ASN B 96 -12.07 -15.43 9.92
C ASN B 96 -10.73 -14.95 9.31
N PHE B 97 -9.67 -14.89 10.10
CA PHE B 97 -8.34 -14.44 9.61
C PHE B 97 -7.86 -15.32 8.45
N ILE B 98 -7.89 -16.64 8.60
CA ILE B 98 -7.49 -17.60 7.52
C ILE B 98 -8.31 -17.36 6.24
N LEU B 99 -9.62 -17.11 6.36
CA LEU B 99 -10.53 -16.92 5.18
C LEU B 99 -10.30 -15.55 4.55
N GLN B 100 -10.02 -14.50 5.33
CA GLN B 100 -9.63 -13.18 4.77
C GLN B 100 -8.28 -13.31 4.04
N CYS B 101 -7.30 -14.09 4.55
CA CYS B 101 -6.03 -14.36 3.81
C CYS B 101 -6.36 -15.04 2.47
N ARG B 102 -7.15 -16.12 2.52
CA ARG B 102 -7.50 -16.93 1.34
C ARG B 102 -8.06 -16.03 0.23
N LYS B 103 -8.96 -15.12 0.57
CA LYS B 103 -9.68 -14.24 -0.40
C LYS B 103 -8.67 -13.33 -1.13
N LYS B 104 -7.52 -13.02 -0.53
CA LYS B 104 -6.52 -12.13 -1.16
C LYS B 104 -5.40 -12.90 -1.90
N TYR B 105 -5.44 -14.23 -2.08
CA TYR B 105 -4.47 -14.96 -2.95
C TYR B 105 -5.09 -15.10 -4.34
N ARG B 106 -4.28 -15.08 -5.38
CA ARG B 106 -4.80 -15.16 -6.75
C ARG B 106 -4.66 -16.57 -7.36
N ASN B 107 -5.30 -16.76 -8.50
CA ASN B 107 -5.24 -18.00 -9.29
C ASN B 107 -3.95 -17.94 -10.12
N VAL B 108 -2.82 -18.18 -9.48
CA VAL B 108 -1.49 -18.18 -10.14
C VAL B 108 -0.87 -19.55 -9.94
N PRO B 109 0.10 -19.93 -10.80
CA PRO B 109 0.59 -21.30 -10.76
C PRO B 109 1.29 -21.70 -9.44
N TYR B 110 2.02 -20.79 -8.79
CA TYR B 110 2.80 -21.15 -7.58
C TYR B 110 2.47 -20.28 -6.36
N HIS B 111 2.49 -18.95 -6.48
CA HIS B 111 2.40 -18.00 -5.31
C HIS B 111 0.96 -17.80 -4.85
N ASN B 112 0.28 -18.91 -4.56
CA ASN B 112 -1.18 -18.99 -4.27
C ASN B 112 -1.36 -19.44 -2.80
N PHE B 113 -2.61 -19.65 -2.40
CA PHE B 113 -2.95 -19.98 -0.99
C PHE B 113 -2.29 -21.32 -0.59
N TYR B 114 -2.11 -22.25 -1.53
CA TYR B 114 -1.45 -23.56 -1.24
C TYR B 114 0.01 -23.36 -0.84
N HIS B 115 0.74 -22.44 -1.51
CA HIS B 115 2.13 -22.10 -1.13
C HIS B 115 2.17 -21.64 0.35
N VAL B 116 1.28 -20.72 0.76
CA VAL B 116 1.39 -20.11 2.12
C VAL B 116 0.92 -21.13 3.18
N VAL B 117 -0.02 -22.04 2.88
CA VAL B 117 -0.45 -23.11 3.85
C VAL B 117 0.73 -24.07 3.98
N ASP B 118 1.39 -24.38 2.86
CA ASP B 118 2.63 -25.22 2.85
C ASP B 118 3.72 -24.58 3.73
N VAL B 119 4.00 -23.28 3.57
CA VAL B 119 5.04 -22.59 4.37
C VAL B 119 4.66 -22.67 5.86
N CYS B 120 3.39 -22.48 6.23
CA CYS B 120 2.93 -22.53 7.64
C CYS B 120 3.19 -23.94 8.25
N GLN B 121 2.71 -24.97 7.57
CA GLN B 121 2.88 -26.40 7.97
C GLN B 121 4.37 -26.70 8.14
N THR B 122 5.19 -26.24 7.17
CA THR B 122 6.64 -26.52 7.17
C THR B 122 7.31 -25.85 8.39
N ILE B 123 7.00 -24.59 8.67
CA ILE B 123 7.55 -23.86 9.85
C ILE B 123 7.14 -24.56 11.18
N HIS B 124 5.93 -25.09 11.26
CA HIS B 124 5.47 -25.92 12.41
C HIS B 124 6.44 -27.10 12.60
N THR B 125 6.82 -27.83 11.54
CA THR B 125 7.80 -28.96 11.66
C THR B 125 9.19 -28.47 12.10
N PHE B 126 9.64 -27.31 11.65
CA PHE B 126 10.95 -26.75 12.06
C PHE B 126 10.91 -26.44 13.57
N LEU B 127 9.82 -25.85 14.04
CA LEU B 127 9.70 -25.45 15.46
C LEU B 127 9.61 -26.69 16.37
N TYR B 128 8.80 -27.69 16.02
CA TYR B 128 8.32 -28.72 16.97
C TYR B 128 8.90 -30.10 16.64
N ARG B 129 9.41 -30.36 15.43
CA ARG B 129 10.17 -31.61 15.12
C ARG B 129 11.65 -31.30 15.05
N GLY B 130 12.01 -30.09 14.67
CA GLY B 130 13.40 -29.64 14.63
C GLY B 130 13.81 -28.93 15.90
N ASN B 131 12.85 -28.72 16.82
CA ASN B 131 13.07 -28.12 18.18
C ASN B 131 13.61 -26.69 18.12
N VAL B 132 13.34 -25.95 17.05
CA VAL B 132 13.69 -24.52 17.02
C VAL B 132 12.83 -23.74 18.05
N TYR B 133 11.72 -24.28 18.54
CA TYR B 133 10.91 -23.64 19.64
C TYR B 133 11.81 -23.32 20.85
N GLU B 134 12.88 -24.10 21.07
CA GLU B 134 13.84 -23.90 22.18
C GLU B 134 14.58 -22.57 22.06
N LYS B 135 14.69 -22.00 20.86
CA LYS B 135 15.46 -20.75 20.63
C LYS B 135 14.54 -19.54 20.73
N LEU B 136 13.22 -19.74 20.78
CA LEU B 136 12.27 -18.61 20.63
C LEU B 136 11.24 -18.60 21.79
N THR B 137 10.62 -17.46 22.07
CA THR B 137 9.46 -17.37 23.01
C THR B 137 8.21 -17.94 22.37
N GLU B 138 7.23 -18.30 23.18
CA GLU B 138 5.92 -18.79 22.69
C GLU B 138 5.29 -17.72 21.80
N LEU B 139 5.41 -16.44 22.18
CA LEU B 139 4.81 -15.31 21.41
C LEU B 139 5.46 -15.25 20.01
N GLU B 140 6.78 -15.40 19.93
CA GLU B 140 7.53 -15.38 18.64
C GLU B 140 7.10 -16.58 17.76
N CYS B 141 6.89 -17.77 18.33
CA CYS B 141 6.37 -18.95 17.60
C CYS B 141 4.96 -18.65 17.05
N PHE B 142 4.07 -18.05 17.84
CA PHE B 142 2.71 -17.65 17.38
C PHE B 142 2.81 -16.67 16.20
N VAL B 143 3.58 -15.60 16.36
CA VAL B 143 3.74 -14.57 15.27
C VAL B 143 4.30 -15.23 13.98
N LEU B 144 5.20 -16.20 14.07
CA LEU B 144 5.77 -16.88 12.88
C LEU B 144 4.72 -17.63 12.09
N LEU B 145 3.93 -18.45 12.78
CA LEU B 145 2.89 -19.28 12.13
C LEU B 145 1.84 -18.38 11.49
N ILE B 146 1.49 -17.27 12.11
CA ILE B 146 0.53 -16.27 11.54
C ILE B 146 1.17 -15.60 10.33
N THR B 147 2.43 -15.22 10.42
CA THR B 147 3.16 -14.48 9.38
C THR B 147 3.26 -15.32 8.12
N ALA B 148 3.46 -16.62 8.25
CA ALA B 148 3.50 -17.53 7.10
C ALA B 148 2.24 -17.33 6.24
N LEU B 149 1.06 -17.12 6.84
CA LEU B 149 -0.19 -17.07 6.04
C LEU B 149 -0.35 -15.72 5.33
N VAL B 150 0.33 -14.65 5.77
CA VAL B 150 0.19 -13.32 5.10
C VAL B 150 1.35 -13.03 4.13
N HIS B 151 2.41 -13.84 4.12
CA HIS B 151 3.74 -13.37 3.64
C HIS B 151 3.79 -13.15 2.11
N ASP B 152 2.82 -13.65 1.31
CA ASP B 152 2.74 -13.41 -0.15
C ASP B 152 1.37 -12.85 -0.60
N LEU B 153 0.60 -12.15 0.27
CA LEU B 153 -0.79 -11.72 -0.07
C LEU B 153 -0.81 -10.98 -1.43
N ASP B 154 -1.74 -11.36 -2.29
CA ASP B 154 -2.01 -10.69 -3.58
C ASP B 154 -0.84 -10.81 -4.57
N HIS B 155 0.00 -11.82 -4.44
CA HIS B 155 1.14 -12.04 -5.37
C HIS B 155 0.57 -12.27 -6.79
N MET B 156 1.15 -11.62 -7.79
CA MET B 156 0.65 -11.68 -9.19
C MET B 156 1.54 -12.57 -10.07
N GLY B 157 2.43 -13.35 -9.47
CA GLY B 157 3.35 -14.26 -10.18
C GLY B 157 4.47 -13.54 -10.89
N LEU B 158 4.83 -12.33 -10.47
CA LEU B 158 5.89 -11.49 -11.06
C LEU B 158 6.83 -10.97 -9.96
N ASN B 159 8.13 -10.97 -10.20
CA ASN B 159 9.13 -10.60 -9.14
C ASN B 159 9.35 -9.08 -9.16
N ASN B 160 10.11 -8.57 -8.19
CA ASN B 160 10.34 -7.11 -8.01
C ASN B 160 10.97 -6.53 -9.29
N SER B 161 11.87 -7.29 -9.88
CA SER B 161 12.63 -6.83 -11.05
C SER B 161 11.68 -6.65 -12.26
N PHE B 162 10.59 -7.41 -12.41
CA PHE B 162 9.59 -7.14 -13.49
C PHE B 162 9.07 -5.69 -13.38
N TYR B 163 8.66 -5.30 -12.17
CA TYR B 163 7.98 -3.99 -11.93
C TYR B 163 8.94 -2.82 -12.19
N LEU B 164 10.20 -2.96 -11.78
CA LEU B 164 11.21 -1.89 -11.93
C LEU B 164 11.64 -1.81 -13.40
N LYS B 165 11.91 -2.95 -14.04
CA LYS B 165 12.42 -2.95 -15.44
C LYS B 165 11.33 -2.45 -16.42
N THR B 166 10.06 -2.77 -16.24
CA THR B 166 8.99 -2.43 -17.22
C THR B 166 8.32 -1.08 -16.88
N GLU B 167 8.66 -0.42 -15.78
CA GLU B 167 7.90 0.79 -15.35
C GLU B 167 6.39 0.55 -15.27
N SER B 168 5.98 -0.62 -14.74
CA SER B 168 4.60 -0.90 -14.28
C SER B 168 4.25 0.11 -13.16
N PRO B 169 2.99 0.55 -13.00
CA PRO B 169 2.69 1.58 -11.99
C PRO B 169 3.27 1.34 -10.58
N LEU B 170 3.26 0.10 -10.09
CA LEU B 170 3.79 -0.25 -8.73
C LEU B 170 5.31 -0.07 -8.68
N GLY B 171 6.01 -0.32 -9.79
CA GLY B 171 7.45 -0.05 -9.94
C GLY B 171 7.79 1.44 -9.85
N ILE B 172 7.02 2.29 -10.53
CA ILE B 172 7.09 3.78 -10.42
C ILE B 172 6.87 4.22 -8.96
N LEU B 173 5.86 3.68 -8.26
CA LEU B 173 5.57 4.08 -6.86
C LEU B 173 6.77 3.69 -5.96
N SER B 174 7.40 2.52 -6.19
CA SER B 174 8.59 2.03 -5.45
C SER B 174 9.75 3.00 -5.60
N SER B 175 10.09 3.35 -6.85
CA SER B 175 11.25 4.22 -7.16
C SER B 175 10.98 5.65 -6.64
N ALA B 176 9.77 6.22 -6.81
CA ALA B 176 9.40 7.55 -6.24
C ALA B 176 9.48 7.51 -4.70
N SER B 177 9.07 6.41 -4.06
CA SER B 177 8.93 6.24 -2.60
C SER B 177 10.26 5.95 -1.93
N GLY B 178 11.27 5.45 -2.66
CA GLY B 178 12.48 4.82 -2.05
C GLY B 178 12.54 3.29 -2.16
N ASN B 179 11.67 2.54 -1.49
CA ASN B 179 11.82 1.07 -1.22
C ASN B 179 11.67 0.27 -2.53
N THR B 180 12.66 -0.54 -2.89
CA THR B 180 12.62 -1.44 -4.10
C THR B 180 12.08 -2.85 -3.78
N SER B 181 11.73 -3.19 -2.52
CA SER B 181 10.99 -4.45 -2.18
C SER B 181 9.50 -4.21 -2.51
N VAL B 182 9.17 -4.10 -3.80
CA VAL B 182 7.81 -3.74 -4.31
C VAL B 182 6.76 -4.72 -3.71
N LEU B 183 7.00 -5.99 -3.90
CA LEU B 183 6.05 -7.08 -3.52
C LEU B 183 5.92 -7.12 -1.99
N GLU B 184 7.04 -7.11 -1.27
CA GLU B 184 7.03 -7.40 0.20
C GLU B 184 6.35 -6.24 0.93
N VAL B 185 6.53 -4.98 0.50
CA VAL B 185 5.77 -3.85 1.13
C VAL B 185 4.26 -4.02 0.87
N HIS B 186 3.91 -4.45 -0.34
CA HIS B 186 2.50 -4.70 -0.73
C HIS B 186 1.90 -5.79 0.18
N HIS B 187 2.62 -6.89 0.40
CA HIS B 187 2.11 -7.97 1.29
C HIS B 187 1.82 -7.38 2.68
N CYS B 188 2.76 -6.61 3.24
CA CYS B 188 2.62 -5.97 4.57
C CYS B 188 1.38 -5.07 4.64
N ASN B 189 1.21 -4.21 3.64
CA ASN B 189 0.01 -3.32 3.52
C ASN B 189 -1.28 -4.16 3.66
N LEU B 190 -1.40 -5.30 2.97
CA LEU B 190 -2.66 -6.09 3.02
C LEU B 190 -2.74 -6.88 4.34
N ALA B 191 -1.63 -7.27 4.94
CA ALA B 191 -1.66 -7.91 6.28
C ALA B 191 -2.27 -6.91 7.30
N VAL B 192 -1.86 -5.64 7.23
CA VAL B 192 -2.29 -4.61 8.20
C VAL B 192 -3.79 -4.34 7.98
N GLU B 193 -4.25 -4.39 6.74
CA GLU B 193 -5.68 -4.22 6.35
C GLU B 193 -6.52 -5.31 7.00
N ILE B 194 -6.13 -6.59 6.85
CA ILE B 194 -6.87 -7.73 7.44
C ILE B 194 -6.96 -7.59 8.99
N LEU B 195 -5.85 -7.27 9.65
CA LEU B 195 -5.78 -7.21 11.13
C LEU B 195 -6.47 -5.94 11.68
N SER B 196 -6.89 -4.99 10.82
CA SER B 196 -7.57 -3.73 11.23
C SER B 196 -9.05 -4.03 11.53
N ASP B 197 -9.60 -5.13 11.03
CA ASP B 197 -10.95 -5.60 11.36
C ASP B 197 -10.91 -6.44 12.64
N PRO B 198 -11.59 -6.00 13.74
CA PRO B 198 -11.54 -6.69 15.03
C PRO B 198 -11.97 -8.17 14.91
N GLU B 199 -12.85 -8.48 13.96
CA GLU B 199 -13.33 -9.85 13.68
C GLU B 199 -12.21 -10.75 13.13
N SER B 200 -11.10 -10.21 12.63
CA SER B 200 -9.99 -11.04 12.10
C SER B 200 -8.64 -10.62 12.70
N ASP B 201 -8.65 -9.89 13.82
CA ASP B 201 -7.41 -9.41 14.48
C ASP B 201 -6.93 -10.48 15.48
N VAL B 202 -6.08 -11.38 15.02
CA VAL B 202 -5.51 -12.48 15.83
C VAL B 202 -4.59 -11.93 16.91
N PHE B 203 -4.25 -10.64 16.88
CA PHE B 203 -3.35 -10.01 17.87
C PHE B 203 -4.13 -9.09 18.83
N ASP B 204 -5.46 -9.13 18.80
CA ASP B 204 -6.31 -8.27 19.66
C ASP B 204 -6.17 -8.61 21.16
N GLY B 205 -5.79 -9.84 21.50
CA GLY B 205 -5.63 -10.23 22.90
C GLY B 205 -4.29 -9.80 23.47
N LEU B 206 -3.41 -9.19 22.69
CA LEU B 206 -2.08 -8.81 23.22
C LEU B 206 -2.17 -7.41 23.84
N GLU B 207 -1.39 -7.16 24.88
CA GLU B 207 -1.32 -5.83 25.54
C GLU B 207 -0.13 -5.04 25.02
N GLY B 208 -0.32 -3.75 24.78
CA GLY B 208 0.75 -2.74 24.80
C GLY B 208 1.97 -3.10 23.98
N ALA B 209 3.09 -3.21 24.65
CA ALA B 209 4.42 -3.50 24.10
C ALA B 209 4.37 -4.80 23.28
N GLU B 210 3.64 -5.81 23.76
CA GLU B 210 3.52 -7.15 23.11
C GLU B 210 2.84 -7.01 21.74
N ARG B 211 1.79 -6.20 21.66
CA ARG B 211 1.06 -5.97 20.40
C ARG B 211 1.98 -5.24 19.42
N THR B 212 2.76 -4.28 19.91
CA THR B 212 3.77 -3.55 19.10
C THR B 212 4.86 -4.53 18.62
N LEU B 213 5.43 -5.39 19.49
CA LEU B 213 6.41 -6.44 19.07
C LEU B 213 5.83 -7.29 17.92
N ALA B 214 4.58 -7.75 18.04
CA ALA B 214 3.97 -8.70 17.09
C ALA B 214 3.87 -8.04 15.71
N PHE B 215 3.39 -6.79 15.62
CA PHE B 215 3.36 -6.07 14.31
C PHE B 215 4.79 -5.83 13.78
N ARG B 216 5.73 -5.37 14.60
CA ARG B 216 7.12 -5.08 14.16
C ARG B 216 7.83 -6.35 13.64
N SER B 217 7.68 -7.49 14.34
N SER B 217 7.70 -7.46 14.37
CA SER B 217 8.35 -8.77 13.98
CA SER B 217 8.29 -8.78 14.00
C SER B 217 7.68 -9.41 12.75
C SER B 217 7.69 -9.27 12.68
N MET B 218 6.36 -9.25 12.57
CA MET B 218 5.62 -9.72 11.37
C MET B 218 6.13 -8.97 10.13
N ILE B 219 6.15 -7.64 10.22
CA ILE B 219 6.60 -6.78 9.09
C ILE B 219 8.08 -7.06 8.80
N ASP B 220 8.92 -7.12 9.81
CA ASP B 220 10.36 -7.39 9.63
C ASP B 220 10.56 -8.72 8.89
N CYS B 221 9.85 -9.76 9.31
CA CYS B 221 9.98 -11.09 8.67
C CYS B 221 9.53 -11.04 7.20
N VAL B 222 8.39 -10.44 6.91
CA VAL B 222 7.91 -10.38 5.50
C VAL B 222 8.94 -9.62 4.65
N LEU B 223 9.40 -8.45 5.09
CA LEU B 223 10.40 -7.65 4.30
C LEU B 223 11.67 -8.49 4.07
N ALA B 224 11.99 -9.37 5.00
CA ALA B 224 13.22 -10.21 4.92
C ALA B 224 13.12 -11.33 3.86
N THR B 225 11.92 -11.66 3.37
CA THR B 225 11.71 -12.71 2.33
C THR B 225 12.11 -12.22 0.93
N ASP B 226 12.39 -10.93 0.70
CA ASP B 226 12.88 -10.42 -0.63
C ASP B 226 14.24 -11.05 -0.90
N MET B 227 14.39 -11.85 -1.96
CA MET B 227 15.67 -12.58 -2.19
C MET B 227 16.84 -11.62 -2.51
N ALA B 228 16.61 -10.34 -2.82
CA ALA B 228 17.73 -9.36 -2.91
C ALA B 228 18.45 -9.23 -1.55
N LYS B 229 17.79 -9.55 -0.42
CA LYS B 229 18.33 -9.43 0.96
C LYS B 229 18.81 -10.78 1.49
N HIS B 230 18.84 -11.81 0.65
CA HIS B 230 19.15 -13.19 1.08
C HIS B 230 20.52 -13.22 1.78
N GLY B 231 21.57 -12.71 1.11
CA GLY B 231 22.95 -12.64 1.61
C GLY B 231 23.05 -11.88 2.91
N SER B 232 22.54 -10.64 2.99
CA SER B 232 22.62 -9.84 4.25
C SER B 232 21.84 -10.49 5.41
N ALA B 233 20.68 -11.12 5.19
CA ALA B 233 19.92 -11.82 6.26
C ALA B 233 20.75 -12.98 6.80
N LEU B 234 21.34 -13.78 5.91
CA LEU B 234 22.18 -14.93 6.36
C LEU B 234 23.41 -14.41 7.14
N GLU B 235 24.17 -13.43 6.65
CA GLU B 235 25.32 -12.81 7.39
C GLU B 235 24.85 -12.38 8.81
N ALA B 236 23.78 -11.57 8.90
CA ALA B 236 23.28 -11.01 10.18
C ALA B 236 22.88 -12.14 11.13
N PHE B 237 22.24 -13.21 10.63
CA PHE B 237 21.90 -14.37 11.49
C PHE B 237 23.17 -15.06 12.03
N LEU B 238 24.12 -15.36 11.15
CA LEU B 238 25.32 -16.13 11.56
C LEU B 238 26.13 -15.27 12.56
N ALA B 239 26.22 -13.96 12.38
CA ALA B 239 26.88 -13.02 13.32
C ALA B 239 26.19 -13.09 14.70
N SER B 240 24.86 -12.95 14.72
CA SER B 240 24.07 -12.90 15.97
C SER B 240 24.18 -14.25 16.67
N ALA B 241 24.24 -15.37 15.94
CA ALA B 241 24.32 -16.72 16.54
C ALA B 241 25.69 -16.95 17.18
N ALA B 242 26.72 -16.21 16.74
CA ALA B 242 28.14 -16.42 17.08
C ALA B 242 28.35 -16.10 18.56
N ASP B 243 27.73 -15.01 19.02
CA ASP B 243 27.67 -14.58 20.45
C ASP B 243 26.23 -14.09 20.75
N GLN B 244 25.29 -15.02 20.95
CA GLN B 244 23.84 -14.70 21.11
C GLN B 244 23.60 -14.07 22.49
N SER B 245 24.50 -14.34 23.46
CA SER B 245 24.51 -13.77 24.85
C SER B 245 24.75 -12.25 24.82
N SER B 246 25.54 -11.76 23.86
CA SER B 246 25.91 -10.33 23.73
C SER B 246 24.67 -9.48 23.39
N ASP B 247 23.79 -9.93 22.47
CA ASP B 247 22.55 -9.21 22.07
C ASP B 247 21.43 -10.24 21.83
N GLU B 248 20.75 -10.67 22.89
CA GLU B 248 19.70 -11.72 22.84
C GLU B 248 18.56 -11.28 21.91
N ALA B 249 18.16 -10.01 21.99
CA ALA B 249 17.05 -9.47 21.18
C ALA B 249 17.40 -9.58 19.69
N ALA B 250 18.64 -9.29 19.30
CA ALA B 250 19.08 -9.37 17.89
C ALA B 250 19.02 -10.83 17.40
N PHE B 251 19.44 -11.79 18.23
CA PHE B 251 19.44 -13.21 17.88
C PHE B 251 17.98 -13.70 17.69
N HIS B 252 17.06 -13.30 18.57
CA HIS B 252 15.63 -13.70 18.47
C HIS B 252 15.05 -13.14 17.14
N ARG B 253 15.27 -11.87 16.86
CA ARG B 253 14.77 -11.22 15.62
C ARG B 253 15.29 -11.95 14.37
N MET B 254 16.60 -12.19 14.32
CA MET B 254 17.21 -12.83 13.14
C MET B 254 16.77 -14.30 13.03
N THR B 255 16.57 -14.99 14.15
CA THR B 255 16.11 -16.41 14.07
C THR B 255 14.71 -16.44 13.42
N MET B 256 13.85 -15.50 13.78
CA MET B 256 12.51 -15.41 13.18
C MET B 256 12.65 -15.15 11.68
N GLU B 257 13.52 -14.21 11.30
CA GLU B 257 13.73 -13.85 9.86
C GLU B 257 14.27 -15.06 9.09
N ILE B 258 15.18 -15.83 9.68
CA ILE B 258 15.80 -17.00 9.01
C ILE B 258 14.82 -18.19 8.91
N ILE B 259 13.92 -18.36 9.88
CA ILE B 259 12.95 -19.47 9.85
C ILE B 259 11.87 -19.22 8.78
N LEU B 260 11.37 -17.99 8.65
CA LEU B 260 10.38 -17.72 7.55
C LEU B 260 11.07 -17.97 6.19
N LYS B 261 12.30 -17.49 6.06
CA LYS B 261 13.08 -17.71 4.81
C LYS B 261 13.23 -19.21 4.54
N ALA B 262 13.57 -19.98 5.56
CA ALA B 262 13.74 -21.45 5.45
C ALA B 262 12.44 -22.10 5.01
N GLY B 263 11.31 -21.74 5.61
CA GLY B 263 10.01 -22.21 5.12
C GLY B 263 9.79 -21.88 3.63
N ASP B 264 10.07 -20.63 3.27
CA ASP B 264 9.81 -20.11 1.91
C ASP B 264 10.61 -20.90 0.86
N ILE B 265 11.82 -21.38 1.14
CA ILE B 265 12.60 -22.18 0.14
C ILE B 265 12.71 -23.67 0.52
N SER B 266 11.75 -24.20 1.28
CA SER B 266 11.73 -25.59 1.84
C SER B 266 11.32 -26.65 0.78
N ASN B 267 10.91 -26.30 -0.45
CA ASN B 267 10.33 -27.30 -1.38
C ASN B 267 11.37 -28.43 -1.63
N VAL B 268 12.65 -28.10 -1.63
CA VAL B 268 13.75 -29.08 -1.89
C VAL B 268 14.05 -29.97 -0.67
N THR B 269 13.45 -29.72 0.49
CA THR B 269 13.55 -30.59 1.68
C THR B 269 12.46 -31.67 1.73
N LYS B 270 11.55 -31.72 0.75
CA LYS B 270 10.37 -32.64 0.80
C LYS B 270 10.66 -33.95 0.04
N PRO B 271 9.87 -35.03 0.33
CA PRO B 271 9.88 -36.24 -0.51
C PRO B 271 9.88 -35.88 -1.99
N PHE B 272 10.67 -36.62 -2.76
CA PHE B 272 11.04 -36.28 -4.15
C PHE B 272 9.78 -35.91 -4.94
N ASP B 273 8.73 -36.71 -4.92
CA ASP B 273 7.57 -36.46 -5.82
C ASP B 273 6.85 -35.17 -5.44
N ILE B 274 6.79 -34.82 -4.15
CA ILE B 274 6.21 -33.52 -3.69
C ILE B 274 7.10 -32.35 -4.20
N SER B 275 8.42 -32.46 -4.02
CA SER B 275 9.44 -31.47 -4.44
C SER B 275 9.29 -31.18 -5.94
N ARG B 276 9.13 -32.23 -6.74
CA ARG B 276 9.02 -32.15 -8.21
C ARG B 276 7.76 -31.37 -8.62
N GLN B 277 6.63 -31.64 -7.98
CA GLN B 277 5.37 -30.88 -8.30
C GLN B 277 5.54 -29.39 -7.96
N TRP B 278 6.22 -29.02 -6.87
CA TRP B 278 6.48 -27.58 -6.56
C TRP B 278 7.38 -27.00 -7.67
N ALA B 279 8.41 -27.72 -8.09
CA ALA B 279 9.36 -27.24 -9.12
C ALA B 279 8.63 -26.94 -10.44
N MET B 280 7.69 -27.79 -10.87
CA MET B 280 6.92 -27.57 -12.13
C MET B 280 6.15 -26.26 -12.04
N ALA B 281 5.51 -26.00 -10.90
CA ALA B 281 4.67 -24.80 -10.73
C ALA B 281 5.54 -23.53 -10.70
N VAL B 282 6.62 -23.48 -9.94
CA VAL B 282 7.46 -22.23 -9.87
C VAL B 282 8.09 -21.94 -11.24
N THR B 283 8.57 -22.95 -11.94
CA THR B 283 9.24 -22.73 -13.25
C THR B 283 8.23 -22.20 -14.29
N GLU B 284 6.98 -22.64 -14.24
CA GLU B 284 5.93 -22.05 -15.12
C GLU B 284 5.77 -20.56 -14.84
N GLU B 285 5.75 -20.12 -13.57
CA GLU B 285 5.65 -18.67 -13.27
C GLU B 285 6.86 -17.93 -13.82
N PHE B 286 8.08 -18.47 -13.70
CA PHE B 286 9.29 -17.86 -14.32
C PHE B 286 9.07 -17.67 -15.83
N TYR B 287 8.55 -18.67 -16.54
CA TYR B 287 8.37 -18.60 -18.01
C TYR B 287 7.33 -17.54 -18.34
N ARG B 288 6.24 -17.47 -17.58
CA ARG B 288 5.18 -16.47 -17.88
C ARG B 288 5.74 -15.06 -17.72
N GLN B 289 6.58 -14.84 -16.70
CA GLN B 289 7.23 -13.53 -16.49
C GLN B 289 8.08 -13.19 -17.70
N GLY B 290 8.87 -14.14 -18.18
CA GLY B 290 9.73 -13.91 -19.36
C GLY B 290 8.92 -13.56 -20.59
N ASP B 291 7.78 -14.23 -20.77
CA ASP B 291 6.91 -13.95 -21.95
C ASP B 291 6.42 -12.50 -21.85
N MET B 292 6.01 -12.08 -20.66
CA MET B 292 5.46 -10.71 -20.46
C MET B 292 6.57 -9.64 -20.60
N GLU B 293 7.80 -9.92 -20.14
CA GLU B 293 8.95 -8.99 -20.31
C GLU B 293 9.23 -8.79 -21.80
N LYS B 294 9.28 -9.89 -22.57
CA LYS B 294 9.61 -9.85 -24.01
C LYS B 294 8.57 -8.98 -24.74
N GLU B 295 7.30 -9.20 -24.41
CA GLU B 295 6.15 -8.47 -25.03
C GLU B 295 6.33 -6.97 -24.75
N ARG B 296 6.87 -6.60 -23.57
CA ARG B 296 7.02 -5.19 -23.18
C ARG B 296 8.39 -4.65 -23.65
N GLY B 297 9.15 -5.42 -24.45
CA GLY B 297 10.39 -4.96 -25.10
C GLY B 297 11.62 -5.06 -24.23
N VAL B 298 11.62 -5.85 -23.14
CA VAL B 298 12.82 -6.01 -22.27
C VAL B 298 13.48 -7.34 -22.65
N GLU B 299 14.82 -7.34 -22.65
CA GLU B 299 15.63 -8.53 -23.01
C GLU B 299 15.66 -9.39 -21.76
N VAL B 300 15.32 -10.67 -21.89
CA VAL B 300 15.03 -11.63 -20.78
C VAL B 300 16.29 -12.44 -20.46
N LEU B 301 16.59 -12.65 -19.18
CA LEU B 301 17.62 -13.64 -18.76
C LEU B 301 17.12 -15.04 -19.09
N PRO B 302 18.01 -15.93 -19.55
CA PRO B 302 17.64 -17.23 -20.10
C PRO B 302 16.94 -18.19 -19.13
N MET B 303 17.13 -18.00 -17.81
CA MET B 303 16.39 -18.78 -16.79
C MET B 303 14.87 -18.59 -16.99
N PHE B 304 14.45 -17.41 -17.47
CA PHE B 304 13.02 -17.00 -17.57
C PHE B 304 12.47 -17.18 -18.98
N ASP B 305 13.32 -17.70 -19.87
CA ASP B 305 13.03 -17.87 -21.31
C ASP B 305 12.65 -19.31 -21.65
N ARG B 306 11.39 -19.53 -22.03
CA ARG B 306 10.88 -20.88 -22.42
C ARG B 306 11.73 -21.50 -23.53
N SER B 307 12.16 -20.74 -24.51
CA SER B 307 12.91 -21.31 -25.65
C SER B 307 14.37 -21.64 -25.34
N LYS B 308 14.83 -21.51 -24.10
CA LYS B 308 16.27 -21.72 -23.80
C LYS B 308 16.43 -22.86 -22.81
N ASN B 309 15.35 -23.62 -22.60
CA ASN B 309 15.29 -24.61 -21.48
C ASN B 309 14.48 -25.82 -21.95
N MET B 310 14.78 -27.01 -21.42
CA MET B 310 14.01 -28.25 -21.70
C MET B 310 13.61 -28.90 -20.38
N GLU B 311 14.52 -29.55 -19.69
CA GLU B 311 14.25 -30.44 -18.53
C GLU B 311 14.26 -29.59 -17.25
N LEU B 312 13.56 -30.03 -16.20
CA LEU B 312 13.61 -29.43 -14.84
C LEU B 312 14.94 -29.76 -14.17
N ALA B 313 15.52 -30.94 -14.40
CA ALA B 313 16.62 -31.45 -13.54
C ALA B 313 17.69 -30.37 -13.36
N LYS B 314 18.17 -29.74 -14.43
CA LYS B 314 19.42 -28.97 -14.25
C LYS B 314 19.11 -27.71 -13.43
N GLY B 315 17.90 -27.16 -13.54
CA GLY B 315 17.41 -26.01 -12.75
C GLY B 315 17.36 -26.30 -11.25
N GLN B 316 16.86 -27.48 -10.86
CA GLN B 316 16.74 -27.88 -9.44
C GLN B 316 18.14 -28.11 -8.88
N ILE B 317 19.03 -28.71 -9.65
CA ILE B 317 20.43 -28.96 -9.20
C ILE B 317 21.12 -27.61 -8.98
N GLY B 318 20.94 -26.65 -9.88
CA GLY B 318 21.45 -25.28 -9.73
C GLY B 318 20.90 -24.57 -8.50
N PHE B 319 19.58 -24.61 -8.32
CA PHE B 319 18.94 -23.98 -7.15
C PHE B 319 19.51 -24.61 -5.86
N ILE B 320 19.63 -25.94 -5.82
CA ILE B 320 20.18 -26.63 -4.62
C ILE B 320 21.65 -26.21 -4.41
N ASP B 321 22.51 -26.23 -5.43
CA ASP B 321 23.96 -26.00 -5.25
C ASP B 321 24.25 -24.52 -4.94
N PHE B 322 23.57 -23.56 -5.58
CA PHE B 322 23.95 -22.11 -5.46
C PHE B 322 23.13 -21.40 -4.36
N VAL B 323 22.02 -21.96 -3.87
CA VAL B 323 21.09 -21.30 -2.91
C VAL B 323 20.74 -22.20 -1.73
N ALA B 324 19.98 -23.29 -1.90
CA ALA B 324 19.35 -23.99 -0.77
C ALA B 324 20.34 -24.81 0.07
N ALA B 325 21.26 -25.58 -0.54
CA ALA B 325 22.14 -26.49 0.24
C ALA B 325 23.06 -25.66 1.12
N PRO B 326 23.74 -24.59 0.61
CA PRO B 326 24.54 -23.75 1.49
C PRO B 326 23.74 -23.06 2.60
N PHE B 327 22.53 -22.58 2.27
CA PHE B 327 21.64 -21.91 3.26
C PHE B 327 21.34 -22.87 4.41
N PHE B 328 20.79 -24.05 4.13
CA PHE B 328 20.39 -25.03 5.18
C PHE B 328 21.63 -25.55 5.95
N GLN B 329 22.74 -25.84 5.28
CA GLN B 329 23.91 -26.42 5.99
C GLN B 329 24.48 -25.36 6.95
N LYS B 330 24.48 -24.10 6.56
CA LYS B 330 25.05 -23.04 7.42
C LYS B 330 24.17 -22.76 8.66
N ILE B 331 22.84 -22.77 8.56
CA ILE B 331 21.98 -22.40 9.71
C ILE B 331 21.97 -23.60 10.66
N VAL B 332 22.04 -24.81 10.12
CA VAL B 332 22.09 -26.06 10.91
C VAL B 332 23.40 -26.07 11.74
N ASP B 333 24.54 -25.87 11.09
CA ASP B 333 25.87 -25.91 11.74
C ASP B 333 26.01 -24.75 12.74
N ALA B 334 25.44 -23.59 12.46
CA ALA B 334 25.61 -22.40 13.32
C ALA B 334 24.86 -22.58 14.65
N CYS B 335 23.87 -23.45 14.74
CA CYS B 335 22.78 -23.22 15.72
C CYS B 335 21.65 -24.25 15.67
N LEU B 336 21.05 -24.47 14.50
CA LEU B 336 19.79 -25.25 14.38
C LEU B 336 20.04 -26.73 14.10
N GLN B 337 20.69 -27.43 15.05
CA GLN B 337 21.16 -28.85 14.88
C GLN B 337 19.99 -29.78 14.66
N GLY B 338 18.85 -29.49 15.28
CA GLY B 338 17.64 -30.31 15.17
C GLY B 338 17.07 -30.33 13.76
N MET B 339 17.50 -29.45 12.85
CA MET B 339 16.97 -29.39 11.46
C MET B 339 17.89 -30.17 10.47
N GLN B 340 18.75 -31.06 10.99
CA GLN B 340 19.73 -31.83 10.16
C GLN B 340 19.04 -32.55 9.01
N TRP B 341 17.86 -33.14 9.25
CA TRP B 341 17.08 -33.87 8.22
C TRP B 341 16.87 -33.04 6.93
N THR B 342 16.81 -31.71 7.01
CA THR B 342 16.61 -30.85 5.81
C THR B 342 17.80 -31.00 4.85
N VAL B 343 19.02 -31.00 5.40
CA VAL B 343 20.25 -31.17 4.58
C VAL B 343 20.26 -32.57 3.95
N ASP B 344 19.93 -33.61 4.72
CA ASP B 344 19.96 -35.03 4.26
C ASP B 344 18.99 -35.19 3.10
N ARG B 345 17.80 -34.63 3.22
CA ARG B 345 16.80 -34.72 2.14
C ARG B 345 17.19 -33.86 0.93
N ILE B 346 17.79 -32.68 1.10
CA ILE B 346 18.24 -31.89 -0.10
C ILE B 346 19.27 -32.75 -0.86
N LYS B 347 20.20 -33.40 -0.16
CA LYS B 347 21.25 -34.24 -0.79
C LYS B 347 20.62 -35.43 -1.51
N SER B 348 19.64 -36.08 -0.91
CA SER B 348 18.92 -37.21 -1.53
C SER B 348 18.19 -36.72 -2.80
N ASN B 349 17.49 -35.61 -2.74
CA ASN B 349 16.75 -35.07 -3.92
C ASN B 349 17.75 -34.71 -5.04
N ARG B 350 18.86 -34.08 -4.68
CA ARG B 350 19.85 -33.64 -5.70
C ARG B 350 20.36 -34.91 -6.45
N ALA B 351 20.67 -36.00 -5.73
CA ALA B 351 21.17 -37.27 -6.33
C ALA B 351 20.14 -37.84 -7.31
N GLN B 352 18.86 -37.70 -6.99
CA GLN B 352 17.76 -38.16 -7.87
C GLN B 352 17.72 -37.31 -9.15
N TRP B 353 17.87 -35.99 -9.07
CA TRP B 353 17.89 -35.16 -10.29
C TRP B 353 19.15 -35.48 -11.12
N GLU B 354 20.26 -35.77 -10.45
CA GLU B 354 21.57 -36.01 -11.10
C GLU B 354 21.42 -37.32 -11.89
N ARG B 355 20.67 -38.29 -11.36
CA ARG B 355 20.34 -39.58 -12.03
C ARG B 355 19.46 -39.32 -13.26
N VAL B 356 18.45 -38.46 -13.17
CA VAL B 356 17.65 -38.06 -14.36
C VAL B 356 18.58 -37.51 -15.45
N LEU B 357 19.49 -36.58 -15.11
CA LEU B 357 20.41 -35.91 -16.08
C LEU B 357 21.31 -36.96 -16.77
N GLU B 358 21.95 -37.84 -15.99
CA GLU B 358 23.03 -38.73 -16.48
C GLU B 358 22.47 -39.97 -17.19
N THR B 359 21.13 -40.16 -17.19
CA THR B 359 20.42 -41.28 -17.87
C THR B 359 19.26 -40.72 -18.69
N ARG B 360 19.35 -39.46 -19.12
CA ARG B 360 18.27 -38.74 -19.85
C ARG B 360 18.12 -39.39 -21.23
MG MG C . -3.16 15.05 2.02
ZN ZN D . -5.66 17.56 0.59
C GAI E . -11.72 25.47 -20.04
N1 GAI E . -12.42 24.37 -19.69
N2 GAI E . -12.24 26.66 -19.73
N3 GAI E . -10.54 25.38 -20.60
C GAI F . -5.18 -0.77 -17.80
N1 GAI F . -4.88 -0.77 -16.49
N2 GAI F . -4.82 -1.81 -18.54
N3 GAI F . -5.80 0.26 -18.31
C GAI G . 0.56 24.79 -24.28
N1 GAI G . -0.59 24.11 -24.33
N2 GAI G . 0.50 26.10 -24.11
N3 GAI G . 1.71 24.20 -24.39
C GAI H . 13.77 32.34 -16.59
N1 GAI H . 13.97 31.14 -16.18
N2 GAI H . 14.62 33.32 -16.22
N3 GAI H . 12.74 32.66 -17.39
C GAI I . -9.66 36.52 -11.76
N1 GAI I . -9.95 37.05 -10.60
N2 GAI I . -8.68 37.02 -12.47
N3 GAI I . -10.34 35.49 -12.27
C GAI J . -6.26 4.80 6.89
N1 GAI J . -7.54 4.46 6.77
N2 GAI J . -5.85 5.96 6.38
N3 GAI J . -5.43 4.00 7.49
C GAI K . -8.39 20.80 -26.01
N1 GAI K . -8.07 20.93 -24.76
N2 GAI K . -7.55 20.21 -26.87
N3 GAI K . -9.55 21.25 -26.47
C1 EDO L . -20.05 32.24 -9.13
O1 EDO L . -19.31 32.78 -10.18
C2 EDO L . -21.18 31.51 -9.71
O2 EDO L . -21.12 30.13 -9.47
C1 EDO M . 1.13 33.41 -16.44
O1 EDO M . 1.40 34.75 -16.02
C2 EDO M . 1.19 32.45 -15.33
O2 EDO M . 0.52 32.93 -14.17
C1 EDO N . 8.14 18.68 -19.99
O1 EDO N . 9.01 17.58 -19.89
C2 EDO N . 6.98 18.33 -20.82
O2 EDO N . 6.40 17.12 -20.39
C FMT O . -17.10 38.74 -2.63
O1 FMT O . -16.27 38.76 -1.75
O2 FMT O . -18.07 37.89 -2.69
C1 JX2 P . -8.16 26.33 6.75
N2 JX2 P . -2.31 22.14 8.14
C3 JX2 P . -5.96 24.60 6.22
C5 JX2 P . -4.21 23.24 7.21
C6 JX2 P . -4.30 24.00 8.39
C7 JX2 P . -5.22 25.05 8.48
C9 JX2 P . -5.43 26.35 10.78
C10 JX2 P . -5.70 26.96 12.04
C11 JX2 P . -3.58 25.92 12.77
C12 JX2 P . -2.29 26.56 12.38
C13 JX2 P . -1.27 26.10 11.61
C14 JX2 P . -0.25 27.11 11.62
C15 JX2 P . -0.71 28.13 12.43
C16 JX2 P . -3.18 22.16 7.18
C17 JX2 P . -0.01 21.70 8.75
C18 JX2 P . -0.20 21.49 10.27
C19 JX2 P . 0.03 22.71 11.17
C2 JX2 P . -6.06 25.35 7.39
C20 JX2 P . 1.38 23.40 11.13
C21 JX2 P . 2.34 22.97 10.03
C22 JX2 P . 1.93 23.42 8.65
C23 JX2 P . 0.46 23.10 8.33
C24 JX2 P . -1.29 20.08 7.30
C25 JX2 P . -2.59 19.78 6.59
C26 JX2 P . -2.45 18.67 5.52
C27 JX2 P . -2.14 19.20 4.16
C28 JX2 P . -2.12 20.48 3.84
C29 JX2 P . -2.40 21.59 4.80
C30 JX2 P . -3.16 21.11 6.06
C4 JX2 P . -5.04 23.55 6.13
C8 JX2 P . -5.30 25.79 9.72
N1 JX2 P . -4.72 26.82 12.96
N3 JX2 P . -1.24 21.29 8.02
O1 JX2 P . -6.95 26.38 7.55
O2 JX2 P . -6.75 27.59 12.22
O3 JX2 P . -1.96 27.79 12.90
O4 JX2 P . -0.34 19.30 7.29
C GAI Q . -4.83 -13.75 27.02
N1 GAI Q . -4.62 -13.92 28.30
N2 GAI Q . -3.97 -13.07 26.24
N3 GAI Q . -5.95 -14.13 26.50
C FMT R . 3.27 3.20 -17.18
O1 FMT R . 4.47 3.25 -17.46
O2 FMT R . 2.48 2.13 -17.26
MG MG S . 7.44 -13.64 -1.38
ZN ZN T . 6.69 -17.17 -0.46
C GAI U . 12.14 -35.74 11.77
N1 GAI U . 10.84 -35.75 12.04
N2 GAI U . 12.59 -36.44 10.73
N3 GAI U . 12.97 -35.09 12.51
C GAI V . 1.81 -7.18 -6.34
N1 GAI V . 1.95 -8.46 -6.28
N2 GAI V . 0.64 -6.71 -6.79
N3 GAI V . 2.84 -6.45 -6.03
C1 EDO W . -0.33 -38.27 3.21
O1 EDO W . 0.26 -37.13 3.82
C2 EDO W . 0.58 -39.02 2.32
O2 EDO W . 1.84 -39.16 2.91
C1 EDO X . 0.80 -24.99 -6.59
O1 EDO X . -0.53 -24.99 -6.16
C2 EDO X . 1.29 -26.32 -6.87
O2 EDO X . 0.54 -27.02 -7.85
C1 EDO Y . 0.56 -37.44 7.04
O1 EDO Y . -0.71 -37.39 6.47
C2 EDO Y . 1.14 -38.75 7.02
O2 EDO Y . 2.51 -38.52 6.80
C1 EDO Z . 14.00 -11.94 -16.06
O1 EDO Z . 14.70 -11.35 -17.14
C2 EDO Z . 14.08 -11.22 -14.77
O2 EDO Z . 13.57 -9.89 -14.79
C1 EDO AA . 17.60 -26.22 17.36
O1 EDO AA . 17.36 -26.93 16.17
C2 EDO AA . 17.62 -27.14 18.52
O2 EDO AA . 18.75 -28.02 18.45
C1 JX2 BA . 11.72 -25.17 -6.02
N2 JX2 BA . 14.01 -18.26 -6.63
C3 JX2 BA . 12.01 -22.40 -5.48
C5 JX2 BA . 12.81 -20.25 -6.21
C6 JX2 BA . 13.42 -20.84 -7.31
C7 JX2 BA . 13.31 -22.22 -7.51
C9 JX2 BA . 14.28 -23.28 -9.69
C10 JX2 BA . 14.59 -23.85 -10.94
C11 JX2 BA . 14.32 -22.44 -12.90
C12 JX2 BA . 14.85 -22.78 -14.25
C13 JX2 BA . 14.26 -22.79 -15.46
C14 JX2 BA . 15.24 -23.15 -16.39
C15 JX2 BA . 16.42 -23.31 -15.67
C16 JX2 BA . 12.99 -18.78 -6.03
C17 JX2 BA . 15.50 -16.42 -6.99
C18 JX2 BA . 15.55 -16.50 -8.53
C19 JX2 BA . 16.70 -15.73 -9.19
C2 JX2 BA . 12.60 -23.02 -6.58
C20 JX2 BA . 18.08 -16.15 -8.71
C21 JX2 BA . 18.49 -15.61 -7.36
C22 JX2 BA . 17.94 -16.34 -6.14
C23 JX2 BA . 16.65 -17.15 -6.30
C24 JX2 BA . 13.24 -16.02 -5.94
C25 JX2 BA . 11.87 -16.58 -5.60
C26 JX2 BA . 11.05 -15.71 -4.63
C27 JX2 BA . 11.28 -16.01 -3.17
C28 JX2 BA . 12.00 -17.03 -2.73
C29 JX2 BA . 12.60 -18.07 -3.63
C30 JX2 BA . 12.06 -18.03 -5.08
C4 JX2 BA . 12.10 -21.03 -5.31
C8 JX2 BA . 13.89 -22.81 -8.67
N1 JX2 BA . 15.10 -22.95 -11.80
N3 JX2 BA . 14.20 -16.91 -6.48
O1 JX2 BA . 12.52 -24.35 -6.88
O2 JX2 BA . 14.44 -25.05 -11.15
O3 JX2 BA . 16.19 -23.08 -14.35
O4 JX2 BA . 13.50 -14.84 -5.79
C GAI CA . -11.49 -22.87 22.39
N1 GAI CA . -11.58 -22.87 23.71
N2 GAI CA . -10.26 -23.02 21.79
N3 GAI CA . -12.63 -22.78 21.77
C GAI DA . 18.76 -8.01 7.57
N1 GAI DA . 18.69 -8.33 8.82
N2 GAI DA . 17.85 -8.43 6.72
N3 GAI DA . 19.74 -7.25 7.13
C1 EDO EA . 19.68 -35.38 13.59
O1 EDO EA . 21.08 -35.35 13.69
C2 EDO EA . 19.01 -34.22 14.25
O2 EDO EA . 19.88 -33.48 15.07
#